data_6UYD
#
_entry.id   6UYD
#
_cell.length_a   88.492
_cell.length_b   93.655
_cell.length_c   96.799
_cell.angle_alpha   90.000
_cell.angle_beta   100.480
_cell.angle_gamma   90.000
#
_symmetry.space_group_name_H-M   'P 1 21 1'
#
loop_
_entity.id
_entity.type
_entity.pdbx_description
1 polymer 'Envelope glycoprotein E2'
2 polymer 'Fab AR3C heavy chain'
3 polymer 'Fab AR3C light chain'
4 branched 2-acetamido-2-deoxy-beta-D-glucopyranose-(1-4)-2-acetamido-2-deoxy-beta-D-glucopyranose
5 non-polymer 2-acetamido-2-deoxy-beta-D-glucopyranose
6 water water
#
loop_
_entity_poly.entity_id
_entity_poly.type
_entity_poly.pdbx_seq_one_letter_code
_entity_poly.pdbx_strand_id
1 'polypeptide(L)'
;QLINTNGSWHINSTALNCNESLNTGWLAGLFYQHKFDSSGCQNWDEPHYPRPCGIVPAKSVCGPVYCFTPSPVVVGTTDR
SGAPTYSWGANDTDVFVLNNTGNWFGCTWMNSTGFTKVCGAPPGGPTDGGSGPWITPRCMVDYPYRLWHYPCTINYTIFK
VRMYVGGVEHRLEAACN
;
E,F
2 'polypeptide(L)'
;EVQLLEQSGAEVKKPGSSVKVSCETSGGTFDNYALNWVRQAPGQGLEWIGGVVPLFGTTRNAQKFQGRVTISDDKSTGTG
HMELRSLRSEDTAVYYCVRSVTPRYCGGGFCYGEFDYWGQGTLVTVSSASTKGPSVFPLAPSSKSTSGGTAALGCLVKDY
FPEPVTVSWNSGALTSGVHTFPAVLQSSGLYSLSSVVTVPSSSLGTQTYICNVNHKPSNTKVDKKVEPKSCGS
;
H,A
3 'polypeptide(L)'
;EIELTQSPATLSVSPGERATLSCRASQSVSSNLAWYQQKPGQAPRLLIYGASTRATGIPARFSGSGSGTEFTLTVSRLEP
EDSAVYFCQQYYRSPLTFGGGTKVEIKRTVAAPSVFIFPPSDEQLKSGTASVVCLLNNFYPREAKVQWKVDNALQSGNSQ
ESVTEQDSKDSTYSLSSTLTLSKADYEKHKVYACEVTHQGLSSPVTKSFNRGEC
;
L,B
#
loop_
_chem_comp.id
_chem_comp.type
_chem_comp.name
_chem_comp.formula
NAG D-saccharide, beta linking 2-acetamido-2-deoxy-beta-D-glucopyranose 'C8 H15 N O6'
#
# COMPACT_ATOMS: atom_id res chain seq x y z
N HIS A 10 -32.65 20.90 13.31
CA HIS A 10 -32.83 19.50 13.69
C HIS A 10 -31.49 18.85 14.04
N ILE A 11 -30.43 19.20 13.30
CA ILE A 11 -29.16 18.51 13.50
C ILE A 11 -28.62 18.80 14.90
N ASN A 12 -28.74 20.03 15.37
CA ASN A 12 -28.19 20.28 16.69
C ASN A 12 -29.17 19.94 17.81
N SER A 13 -30.23 19.19 17.50
CA SER A 13 -30.95 18.43 18.50
C SER A 13 -30.31 17.07 18.77
N THR A 14 -29.06 16.89 18.32
CA THR A 14 -28.29 15.68 18.57
C THR A 14 -27.44 15.89 19.80
N ALA A 15 -27.60 15.02 20.80
CA ALA A 15 -26.72 15.09 21.95
C ALA A 15 -25.33 14.56 21.56
N LEU A 16 -24.30 15.32 21.88
CA LEU A 16 -22.95 14.98 21.44
C LEU A 16 -21.97 15.06 22.61
N ASN A 17 -22.29 14.35 23.68
CA ASN A 17 -21.44 14.25 24.87
C ASN A 17 -20.71 12.92 24.80
N CYS A 18 -19.46 12.95 24.34
CA CYS A 18 -18.71 11.75 24.04
C CYS A 18 -17.31 11.87 24.61
N ASN A 19 -16.86 10.81 25.24
CA ASN A 19 -15.56 10.79 25.91
C ASN A 19 -14.99 9.39 25.76
N GLU A 20 -13.95 9.25 24.91
CA GLU A 20 -13.49 7.90 24.61
C GLU A 20 -13.07 7.16 25.88
N SER A 21 -12.44 7.87 26.82
CA SER A 21 -12.13 7.34 28.15
C SER A 21 -11.37 6.03 28.10
N LEU A 22 -12.00 4.95 28.60
CA LEU A 22 -11.35 3.65 28.60
C LEU A 22 -11.27 3.08 27.19
N ASN A 23 -12.40 2.57 26.67
CA ASN A 23 -12.39 1.99 25.32
C ASN A 23 -11.93 3.04 24.32
N THR A 24 -10.86 2.75 23.60
CA THR A 24 -10.30 3.70 22.66
C THR A 24 -10.75 3.36 21.24
N GLY A 25 -10.99 4.40 20.45
CA GLY A 25 -11.33 4.22 19.05
C GLY A 25 -12.81 4.19 18.73
N TRP A 26 -13.69 3.91 19.71
CA TRP A 26 -15.09 3.62 19.38
C TRP A 26 -15.81 4.84 18.82
N LEU A 27 -15.33 6.03 19.16
CA LEU A 27 -16.00 7.23 18.73
C LEU A 27 -15.86 7.47 17.21
N ALA A 28 -14.89 6.85 16.55
CA ALA A 28 -14.82 6.98 15.08
C ALA A 28 -16.12 6.53 14.41
N GLY A 29 -16.79 5.52 14.97
CA GLY A 29 -18.04 5.03 14.40
C GLY A 29 -19.16 6.04 14.32
N LEU A 30 -19.02 7.19 15.01
CA LEU A 30 -19.96 8.28 14.81
C LEU A 30 -19.87 8.84 13.39
N PHE A 31 -18.67 8.76 12.78
CA PHE A 31 -18.43 9.34 11.45
C PHE A 31 -18.35 8.30 10.34
N TYR A 32 -17.74 7.14 10.59
CA TYR A 32 -17.57 6.14 9.56
C TYR A 32 -17.24 4.81 10.22
N GLN A 33 -17.32 3.75 9.44
CA GLN A 33 -17.05 2.40 9.93
C GLN A 33 -15.66 2.28 10.58
N GLY A 40 -14.59 -10.48 20.73
CA GLY A 40 -15.54 -10.45 21.84
C GLY A 40 -16.88 -11.07 21.53
N CYS A 41 -17.32 -10.90 20.28
CA CYS A 41 -18.63 -11.38 19.83
C CYS A 41 -18.73 -12.90 19.98
N PRO A 47 -28.25 -12.16 29.00
CA PRO A 47 -29.35 -11.52 28.27
C PRO A 47 -30.58 -11.24 29.16
N HIS A 48 -30.60 -10.07 29.79
CA HIS A 48 -31.68 -9.67 30.68
C HIS A 48 -32.60 -8.69 29.96
N TYR A 49 -33.89 -8.74 30.30
CA TYR A 49 -34.85 -7.83 29.70
C TYR A 49 -34.46 -6.40 29.99
N PRO A 50 -34.63 -5.49 29.03
CA PRO A 50 -34.37 -4.07 29.30
C PRO A 50 -35.47 -3.49 30.18
N ARG A 51 -35.17 -2.33 30.78
CA ARG A 51 -36.18 -1.55 31.48
C ARG A 51 -37.02 -0.78 30.47
N PRO A 52 -38.22 -0.35 30.85
CA PRO A 52 -39.03 0.43 29.92
C PRO A 52 -38.37 1.77 29.67
N CYS A 53 -38.74 2.36 28.53
CA CYS A 53 -38.23 3.68 28.17
C CYS A 53 -38.83 4.74 29.10
N GLY A 54 -38.02 5.69 29.49
CA GLY A 54 -38.40 6.80 30.34
C GLY A 54 -37.85 8.08 29.75
N ILE A 55 -37.45 8.99 30.63
CA ILE A 55 -36.89 10.27 30.22
C ILE A 55 -35.39 10.25 30.51
N VAL A 56 -34.58 10.31 29.46
CA VAL A 56 -33.14 10.09 29.55
C VAL A 56 -32.44 11.44 29.53
N PRO A 57 -31.54 11.72 30.47
CA PRO A 57 -30.82 13.00 30.43
C PRO A 57 -29.83 13.02 29.27
N ALA A 58 -29.91 14.06 28.44
CA ALA A 58 -29.07 14.14 27.24
C ALA A 58 -27.59 14.15 27.56
N LYS A 59 -27.22 14.62 28.75
CA LYS A 59 -25.80 14.69 29.08
C LYS A 59 -25.12 13.33 29.07
N SER A 60 -25.88 12.23 29.13
CA SER A 60 -25.25 10.92 29.14
C SER A 60 -25.17 10.31 27.75
N VAL A 61 -25.67 11.00 26.73
CA VAL A 61 -25.85 10.47 25.39
C VAL A 61 -24.80 11.00 24.44
N CYS A 62 -24.28 10.11 23.57
CA CYS A 62 -23.34 10.42 22.51
C CYS A 62 -23.91 9.98 21.16
N GLY A 63 -24.31 10.94 20.33
CA GLY A 63 -24.84 10.62 19.03
C GLY A 63 -26.35 10.42 19.03
N PRO A 64 -26.89 10.07 17.86
CA PRO A 64 -28.35 10.04 17.69
C PRO A 64 -28.99 8.94 18.51
N VAL A 65 -30.22 9.22 18.97
CA VAL A 65 -31.05 8.25 19.68
C VAL A 65 -32.07 7.70 18.70
N TYR A 66 -32.15 6.37 18.55
CA TYR A 66 -33.11 5.79 17.64
C TYR A 66 -34.19 5.05 18.41
N CYS A 67 -35.44 5.23 18.01
CA CYS A 67 -36.52 4.39 18.50
C CYS A 67 -37.11 3.60 17.33
N PHE A 68 -37.90 2.58 17.63
CA PHE A 68 -38.34 1.62 16.63
C PHE A 68 -39.84 1.41 16.71
N THR A 69 -40.56 1.84 15.66
CA THR A 69 -42.01 1.89 15.63
C THR A 69 -42.72 0.77 14.87
N PRO A 70 -42.06 -0.33 14.42
CA PRO A 70 -40.69 -0.85 14.43
C PRO A 70 -39.75 -0.15 13.42
N SER A 71 -40.29 0.68 12.53
CA SER A 71 -39.45 1.43 11.61
C SER A 71 -38.60 2.45 12.39
N PRO A 72 -37.35 2.66 11.99
CA PRO A 72 -36.46 3.52 12.79
C PRO A 72 -36.86 4.97 12.73
N VAL A 73 -36.73 5.64 13.87
CA VAL A 73 -37.09 7.05 14.03
C VAL A 73 -36.04 7.68 14.94
N VAL A 74 -35.51 8.83 14.55
CA VAL A 74 -34.60 9.61 15.40
C VAL A 74 -35.44 10.45 16.36
N VAL A 75 -35.03 10.51 17.63
CA VAL A 75 -35.65 11.37 18.64
C VAL A 75 -34.61 12.41 19.04
N GLY A 76 -34.94 13.68 18.88
CA GLY A 76 -34.04 14.74 19.25
C GLY A 76 -34.22 15.19 20.68
N THR A 77 -33.21 15.90 21.17
CA THR A 77 -33.29 16.51 22.49
C THR A 77 -34.48 17.46 22.58
N THR A 78 -35.18 17.42 23.71
CA THR A 78 -36.20 18.39 24.10
C THR A 78 -35.89 18.87 25.52
N ASP A 79 -36.66 19.85 26.00
CA ASP A 79 -36.75 19.99 27.45
C ASP A 79 -37.77 18.97 27.98
N ARG A 80 -38.02 19.01 29.28
CA ARG A 80 -38.93 18.02 29.87
C ARG A 80 -40.39 18.25 29.48
N SER A 81 -40.72 19.38 28.86
CA SER A 81 -42.06 19.61 28.34
C SER A 81 -42.25 19.08 26.92
N GLY A 82 -41.18 18.56 26.31
CA GLY A 82 -41.27 18.16 24.93
C GLY A 82 -40.90 19.24 23.94
N ALA A 83 -40.65 20.46 24.41
CA ALA A 83 -40.25 21.54 23.51
C ALA A 83 -38.87 21.25 22.95
N PRO A 84 -38.69 21.20 21.63
CA PRO A 84 -37.37 20.92 21.06
C PRO A 84 -36.31 21.89 21.57
N THR A 85 -35.11 21.37 21.78
CA THR A 85 -33.97 22.18 22.15
C THR A 85 -32.84 21.93 21.16
N TYR A 86 -31.94 22.90 21.05
CA TYR A 86 -31.03 22.95 19.89
C TYR A 86 -29.61 23.24 20.33
N SER A 87 -29.20 22.68 21.47
CA SER A 87 -27.91 22.96 22.08
C SER A 87 -27.04 21.72 22.17
N TRP A 88 -27.23 20.76 21.25
CA TRP A 88 -26.41 19.55 21.17
C TRP A 88 -26.40 18.77 22.49
N GLY A 89 -27.51 18.82 23.23
CA GLY A 89 -27.61 18.09 24.48
C GLY A 89 -26.60 18.49 25.54
N ALA A 90 -26.09 19.72 25.48
CA ALA A 90 -25.06 20.16 26.40
C ALA A 90 -25.59 20.66 27.74
N ASN A 91 -26.89 20.86 27.88
CA ASN A 91 -27.47 21.46 29.08
C ASN A 91 -28.17 20.43 29.97
N ASP A 92 -28.25 20.74 31.26
CA ASP A 92 -28.99 19.90 32.20
C ASP A 92 -30.47 19.83 31.86
N THR A 93 -31.01 20.88 31.24
CA THR A 93 -32.41 20.84 30.82
C THR A 93 -32.63 19.93 29.62
N ASP A 94 -31.58 19.46 28.95
CA ASP A 94 -31.71 18.66 27.74
C ASP A 94 -32.01 17.19 28.09
N VAL A 95 -33.10 16.65 27.53
CA VAL A 95 -33.49 15.26 27.78
C VAL A 95 -33.98 14.62 26.49
N PHE A 96 -34.12 13.29 26.54
CA PHE A 96 -34.86 12.52 25.55
C PHE A 96 -36.09 11.95 26.23
N VAL A 97 -37.26 12.27 25.71
CA VAL A 97 -38.53 11.77 26.24
C VAL A 97 -38.90 10.51 25.45
N LEU A 98 -38.57 9.35 25.98
CA LEU A 98 -38.72 8.10 25.25
C LEU A 98 -39.95 7.31 25.66
N ASN A 99 -40.71 7.74 26.66
CA ASN A 99 -41.87 6.93 27.06
C ASN A 99 -43.03 7.20 26.11
N ASN A 100 -43.45 6.19 25.36
CA ASN A 100 -44.68 6.27 24.57
C ASN A 100 -45.43 4.94 24.48
N TRP A 104 -43.72 3.84 19.80
CA TRP A 104 -42.67 2.87 19.49
C TRP A 104 -42.52 1.80 20.56
N PHE A 105 -41.72 0.77 20.25
CA PHE A 105 -41.55 -0.39 21.11
C PHE A 105 -40.24 -0.40 21.89
N GLY A 106 -39.21 0.30 21.41
CA GLY A 106 -37.94 0.34 22.10
C GLY A 106 -37.05 1.38 21.44
N CYS A 107 -35.91 1.63 22.08
CA CYS A 107 -35.01 2.70 21.68
C CYS A 107 -33.59 2.24 21.98
N THR A 108 -32.62 2.84 21.27
CA THR A 108 -31.24 2.47 21.51
C THR A 108 -30.36 3.69 21.22
N TRP A 109 -29.23 3.77 21.93
CA TRP A 109 -28.30 4.88 21.76
C TRP A 109 -26.96 4.50 22.37
N MET A 110 -25.95 5.33 22.07
CA MET A 110 -24.63 5.20 22.66
C MET A 110 -24.55 6.15 23.85
N ASN A 111 -24.02 5.67 24.96
CA ASN A 111 -23.85 6.60 26.08
C ASN A 111 -22.46 7.24 26.02
N SER A 112 -22.21 8.18 26.94
CA SER A 112 -21.06 9.07 26.85
C SER A 112 -19.72 8.36 26.83
N THR A 113 -19.62 7.15 27.40
CA THR A 113 -18.35 6.44 27.41
C THR A 113 -18.34 5.21 26.49
N GLY A 114 -19.25 5.15 25.52
CA GLY A 114 -19.15 4.13 24.48
C GLY A 114 -19.90 2.86 24.73
N PHE A 115 -20.92 2.86 25.60
CA PHE A 115 -21.73 1.69 25.85
C PHE A 115 -23.07 1.85 25.17
N THR A 116 -23.49 0.83 24.43
CA THR A 116 -24.80 0.82 23.81
C THR A 116 -25.87 0.66 24.88
N LYS A 117 -26.88 1.50 24.84
CA LYS A 117 -27.99 1.46 25.79
C LYS A 117 -29.27 1.06 25.08
N VAL A 118 -30.12 0.26 25.74
CA VAL A 118 -31.40 -0.08 25.16
C VAL A 118 -32.49 0.15 26.22
N CYS A 119 -33.66 0.53 25.76
CA CYS A 119 -34.85 0.51 26.60
C CYS A 119 -36.00 -0.05 25.77
N GLY A 120 -37.02 -0.57 26.45
CA GLY A 120 -38.19 -1.03 25.74
C GLY A 120 -39.14 -1.87 26.59
N GLY A 132 -31.17 -5.41 21.38
CA GLY A 132 -31.58 -4.30 20.52
C GLY A 132 -32.94 -4.37 19.83
N PRO A 133 -33.07 -3.66 18.68
CA PRO A 133 -34.32 -3.70 17.89
C PRO A 133 -34.41 -4.93 16.99
N TRP A 134 -34.38 -6.11 17.61
CA TRP A 134 -34.54 -7.36 16.90
C TRP A 134 -36.02 -7.58 16.58
N ILE A 135 -36.34 -7.76 15.30
CA ILE A 135 -37.69 -8.16 14.91
C ILE A 135 -37.81 -9.66 14.76
N THR A 136 -36.69 -10.38 14.79
CA THR A 136 -36.55 -11.82 14.60
C THR A 136 -35.34 -12.22 15.41
N PRO A 137 -35.25 -13.47 15.88
CA PRO A 137 -34.03 -13.93 16.56
C PRO A 137 -32.75 -13.70 15.76
N ARG A 138 -32.85 -13.59 14.43
CA ARG A 138 -31.66 -13.36 13.62
C ARG A 138 -31.74 -12.12 12.74
N CYS A 139 -32.83 -11.37 12.77
CA CYS A 139 -32.97 -10.14 11.99
C CYS A 139 -33.15 -8.93 12.91
N MET A 140 -32.43 -7.85 12.61
CA MET A 140 -32.51 -6.59 13.33
C MET A 140 -32.98 -5.50 12.36
N VAL A 141 -33.70 -4.51 12.90
CA VAL A 141 -34.04 -3.34 12.11
C VAL A 141 -32.75 -2.65 11.70
N ASP A 142 -32.68 -2.24 10.44
CA ASP A 142 -31.49 -1.56 9.96
C ASP A 142 -31.72 -0.06 10.06
N TYR A 143 -30.66 0.67 10.39
CA TYR A 143 -30.75 2.10 10.56
C TYR A 143 -29.33 2.66 10.50
N PRO A 144 -29.16 3.96 10.27
CA PRO A 144 -27.82 4.48 9.95
C PRO A 144 -26.75 4.20 11.01
N TYR A 145 -27.11 3.95 12.27
CA TYR A 145 -26.09 3.71 13.28
C TYR A 145 -26.15 2.31 13.86
N ARG A 146 -26.81 1.37 13.16
CA ARG A 146 -26.76 -0.02 13.58
C ARG A 146 -25.33 -0.51 13.75
N LEU A 147 -24.43 -0.19 12.80
CA LEU A 147 -23.09 -0.75 12.87
C LEU A 147 -22.30 -0.18 14.03
N TRP A 148 -22.59 1.06 14.40
CA TRP A 148 -21.96 1.66 15.56
C TRP A 148 -22.52 1.08 16.85
N HIS A 149 -23.86 0.97 16.96
CA HIS A 149 -24.44 0.53 18.22
C HIS A 149 -24.32 -0.98 18.42
N TYR A 150 -24.33 -1.77 17.31
CA TYR A 150 -24.29 -3.23 17.36
C TYR A 150 -23.20 -3.74 16.42
N PRO A 151 -21.93 -3.53 16.78
CA PRO A 151 -20.84 -3.88 15.86
C PRO A 151 -20.75 -5.35 15.54
N CYS A 152 -21.39 -6.23 16.31
CA CYS A 152 -21.33 -7.65 16.02
C CYS A 152 -22.30 -8.07 14.92
N THR A 153 -23.00 -7.12 14.31
CA THR A 153 -23.87 -7.40 13.18
C THR A 153 -23.27 -6.87 11.89
N ILE A 154 -21.98 -6.54 11.90
CA ILE A 154 -21.33 -5.94 10.74
C ILE A 154 -21.55 -6.79 9.50
N ASN A 155 -21.46 -8.11 9.63
CA ASN A 155 -21.52 -9.00 8.47
C ASN A 155 -22.95 -9.50 8.19
N TYR A 156 -23.97 -8.91 8.83
CA TYR A 156 -25.34 -9.27 8.47
C TYR A 156 -25.71 -8.65 7.13
N THR A 157 -26.70 -9.26 6.47
CA THR A 157 -27.18 -8.87 5.16
C THR A 157 -28.48 -8.10 5.27
N ILE A 158 -28.66 -7.11 4.40
CA ILE A 158 -29.82 -6.24 4.42
C ILE A 158 -30.87 -6.75 3.43
N PHE A 159 -32.12 -6.90 3.91
CA PHE A 159 -33.25 -7.40 3.15
C PHE A 159 -34.46 -6.50 3.34
N LYS A 160 -35.18 -6.22 2.26
CA LYS A 160 -36.46 -5.55 2.38
C LYS A 160 -37.51 -6.55 2.87
N VAL A 161 -38.08 -6.30 4.05
CA VAL A 161 -38.99 -7.24 4.69
C VAL A 161 -40.32 -6.58 5.00
N ARG A 162 -41.27 -7.40 5.41
CA ARG A 162 -42.60 -6.97 5.79
C ARG A 162 -43.04 -7.86 6.93
N MET A 163 -43.51 -7.24 8.01
CA MET A 163 -43.89 -8.01 9.18
C MET A 163 -45.11 -7.40 9.86
N TYR A 164 -45.83 -8.25 10.59
CA TYR A 164 -47.08 -7.91 11.23
C TYR A 164 -46.80 -7.54 12.68
N VAL A 165 -46.95 -6.27 13.01
CA VAL A 165 -46.84 -5.79 14.39
C VAL A 165 -48.23 -5.37 14.85
N GLY A 166 -48.76 -6.08 15.84
CA GLY A 166 -50.14 -5.91 16.22
C GLY A 166 -51.06 -6.34 15.09
N GLY A 167 -51.74 -5.39 14.48
CA GLY A 167 -52.59 -5.67 13.35
C GLY A 167 -52.12 -4.90 12.15
N VAL A 168 -50.93 -4.34 12.28
CA VAL A 168 -50.42 -3.37 11.33
C VAL A 168 -49.25 -3.99 10.58
N GLU A 169 -49.41 -4.20 9.28
CA GLU A 169 -48.26 -4.54 8.45
C GLU A 169 -47.32 -3.35 8.38
N HIS A 170 -46.01 -3.64 8.37
CA HIS A 170 -44.98 -2.63 8.21
C HIS A 170 -43.96 -3.11 7.19
N ARG A 171 -43.56 -2.21 6.31
CA ARG A 171 -42.39 -2.42 5.47
C ARG A 171 -41.20 -1.77 6.13
N LEU A 172 -40.07 -2.46 6.14
CA LEU A 172 -38.82 -1.89 6.62
C LEU A 172 -37.66 -2.69 6.05
N GLU A 173 -36.46 -2.18 6.24
CA GLU A 173 -35.24 -2.90 5.93
C GLU A 173 -34.74 -3.58 7.19
N ALA A 174 -34.37 -4.85 7.08
CA ALA A 174 -33.81 -5.59 8.21
C ALA A 174 -32.43 -6.13 7.87
N ALA A 175 -31.64 -6.37 8.91
CA ALA A 175 -30.30 -6.93 8.79
C ALA A 175 -30.30 -8.30 9.46
N CYS A 176 -29.91 -9.33 8.71
CA CYS A 176 -30.06 -10.72 9.15
C CYS A 176 -28.75 -11.48 9.03
N ASN A 177 -28.53 -12.38 9.98
CA ASN A 177 -27.38 -13.31 9.98
C ASN A 177 -27.06 -13.94 8.64
N GLN B 3 -0.73 9.16 3.86
CA GLN B 3 -1.63 10.20 3.36
C GLN B 3 -0.91 11.54 3.24
N LEU B 4 -1.15 12.26 2.15
CA LEU B 4 -0.45 13.51 1.88
C LEU B 4 -1.45 14.62 1.59
N LEU B 5 -1.33 15.72 2.33
CA LEU B 5 -2.12 16.92 2.14
C LEU B 5 -1.30 17.93 1.35
N GLU B 6 -1.90 18.46 0.29
CA GLU B 6 -1.22 19.38 -0.62
C GLU B 6 -1.95 20.71 -0.55
N GLN B 7 -1.20 21.76 -0.23
CA GLN B 7 -1.77 23.08 -0.05
C GLN B 7 -1.43 23.96 -1.24
N SER B 8 -2.27 24.95 -1.49
CA SER B 8 -1.99 25.90 -2.55
C SER B 8 -0.72 26.68 -2.20
N GLY B 9 -0.13 27.30 -3.23
CA GLY B 9 1.18 27.93 -3.09
C GLY B 9 1.15 29.20 -2.27
N ALA B 10 2.35 29.71 -2.01
CA ALA B 10 2.53 30.90 -1.17
C ALA B 10 1.78 32.11 -1.74
N GLU B 11 1.55 33.09 -0.87
CA GLU B 11 0.71 34.22 -1.20
C GLU B 11 1.25 35.48 -0.54
N VAL B 12 0.95 36.61 -1.17
CA VAL B 12 1.23 37.92 -0.59
C VAL B 12 -0.04 38.77 -0.73
N LYS B 13 -0.38 39.50 0.34
CA LYS B 13 -1.63 40.23 0.35
C LYS B 13 -1.44 41.57 1.03
N LYS B 14 -2.14 42.58 0.52
CA LYS B 14 -2.14 43.89 1.18
C LYS B 14 -2.96 43.82 2.47
N PRO B 15 -2.57 44.57 3.49
CA PRO B 15 -3.38 44.60 4.72
C PRO B 15 -4.82 44.97 4.41
N GLY B 16 -5.75 44.35 5.14
CA GLY B 16 -7.16 44.51 4.90
C GLY B 16 -7.76 43.60 3.87
N SER B 17 -6.93 42.91 3.08
CA SER B 17 -7.41 42.06 2.01
C SER B 17 -7.86 40.72 2.60
N SER B 18 -8.16 39.77 1.73
CA SER B 18 -8.54 38.42 2.12
C SER B 18 -7.63 37.41 1.44
N VAL B 19 -7.50 36.23 2.06
CA VAL B 19 -6.76 35.13 1.45
C VAL B 19 -7.52 33.84 1.69
N LYS B 20 -7.55 32.99 0.68
CA LYS B 20 -8.15 31.65 0.77
C LYS B 20 -7.09 30.62 0.44
N VAL B 21 -6.81 29.74 1.40
CA VAL B 21 -5.83 28.67 1.22
C VAL B 21 -6.57 27.35 1.07
N SER B 22 -6.11 26.51 0.15
CA SER B 22 -6.80 25.26 -0.12
C SER B 22 -5.94 24.09 0.36
N CYS B 23 -6.61 22.96 0.57
CA CYS B 23 -6.00 21.77 1.15
C CYS B 23 -6.54 20.58 0.37
N GLU B 24 -5.72 19.99 -0.50
CA GLU B 24 -6.17 18.89 -1.34
C GLU B 24 -5.48 17.61 -0.93
N THR B 25 -6.20 16.50 -1.04
CA THR B 25 -5.67 15.19 -0.69
C THR B 25 -5.09 14.55 -1.94
N SER B 26 -3.87 14.02 -1.82
CA SER B 26 -3.13 13.45 -2.94
C SER B 26 -3.96 12.42 -3.71
N GLY B 27 -4.25 11.29 -3.06
CA GLY B 27 -5.12 10.28 -3.66
C GLY B 27 -6.57 10.71 -3.60
N GLY B 28 -7.47 9.75 -3.43
CA GLY B 28 -8.84 10.10 -3.15
C GLY B 28 -8.99 10.58 -1.72
N THR B 29 -10.19 11.05 -1.41
CA THR B 29 -10.50 11.38 -0.03
C THR B 29 -10.38 10.12 0.84
N PHE B 30 -10.21 10.35 2.14
CA PHE B 30 -10.07 9.28 3.12
C PHE B 30 -10.97 9.62 4.31
N ASP B 31 -11.05 8.68 5.27
CA ASP B 31 -11.93 8.88 6.40
C ASP B 31 -11.28 9.87 7.35
N ASN B 32 -11.88 11.04 7.52
CA ASN B 32 -11.47 11.94 8.58
C ASN B 32 -12.68 12.74 9.03
N TYR B 33 -12.70 13.08 10.33
CA TYR B 33 -13.85 13.76 10.91
C TYR B 33 -13.65 15.26 11.11
N ALA B 34 -12.43 15.78 11.02
CA ALA B 34 -12.29 17.22 11.20
C ALA B 34 -11.15 17.77 10.35
N LEU B 35 -11.37 18.99 9.87
CA LEU B 35 -10.34 19.79 9.23
C LEU B 35 -10.02 20.99 10.11
N ASN B 36 -8.74 21.14 10.49
CA ASN B 36 -8.33 22.31 11.27
C ASN B 36 -7.18 23.03 10.57
N TRP B 37 -6.92 24.26 11.00
CA TRP B 37 -5.82 25.07 10.47
C TRP B 37 -4.98 25.62 11.61
N VAL B 38 -3.67 25.61 11.40
CA VAL B 38 -2.67 25.93 12.40
C VAL B 38 -1.65 26.81 11.71
N ARG B 39 -1.22 27.90 12.36
CA ARG B 39 -0.19 28.72 11.72
C ARG B 39 1.05 28.87 12.60
N GLN B 40 2.13 29.28 11.94
CA GLN B 40 3.45 29.45 12.56
C GLN B 40 4.12 30.71 12.00
N ALA B 41 4.19 31.75 12.82
CA ALA B 41 5.01 32.92 12.50
C ALA B 41 6.43 32.50 12.10
N PRO B 42 7.10 33.30 11.25
CA PRO B 42 8.37 32.83 10.64
C PRO B 42 9.41 32.34 11.63
N GLY B 43 9.61 33.01 12.76
CA GLY B 43 10.56 32.51 13.73
C GLY B 43 9.99 31.82 14.94
N GLN B 44 8.67 31.65 15.02
CA GLN B 44 8.03 31.32 16.28
C GLN B 44 7.38 29.93 16.21
N GLY B 45 6.44 29.69 17.12
CA GLY B 45 5.86 28.37 17.30
C GLY B 45 4.54 28.19 16.57
N LEU B 46 3.68 27.34 17.13
CA LEU B 46 2.44 26.92 16.49
C LEU B 46 1.20 27.47 17.21
N GLU B 47 0.25 27.95 16.41
CA GLU B 47 -0.97 28.58 16.92
C GLU B 47 -2.19 28.03 16.17
N TRP B 48 -3.18 27.50 16.92
CA TRP B 48 -4.41 26.97 16.33
C TRP B 48 -5.34 28.10 15.88
N ILE B 49 -5.81 28.02 14.64
CA ILE B 49 -6.74 29.02 14.10
C ILE B 49 -8.18 28.62 14.33
N GLY B 50 -8.54 27.44 13.87
CA GLY B 50 -9.92 26.99 13.97
C GLY B 50 -10.09 25.71 13.19
N GLY B 51 -11.32 25.20 13.21
CA GLY B 51 -11.58 23.96 12.50
C GLY B 51 -13.06 23.76 12.29
N VAL B 52 -13.37 22.68 11.59
CA VAL B 52 -14.73 22.39 11.14
C VAL B 52 -14.94 20.88 11.24
N VAL B 53 -16.13 20.48 11.67
CA VAL B 53 -16.52 19.08 11.67
C VAL B 53 -17.65 18.95 10.66
N PRO B 54 -17.37 18.53 9.42
CA PRO B 54 -18.36 18.71 8.35
C PRO B 54 -19.63 17.88 8.55
N LEU B 55 -19.52 16.69 9.12
CA LEU B 55 -20.72 15.88 9.32
C LEU B 55 -21.77 16.64 10.14
N PHE B 56 -21.36 17.39 11.16
CA PHE B 56 -22.29 18.17 11.95
C PHE B 56 -22.38 19.62 11.52
N GLY B 57 -21.48 20.08 10.65
CA GLY B 57 -21.44 21.46 10.20
C GLY B 57 -21.06 22.47 11.24
N THR B 58 -20.39 22.07 12.33
CA THR B 58 -19.99 22.96 13.39
C THR B 58 -18.57 23.49 13.16
N THR B 59 -18.27 24.61 13.81
CA THR B 59 -16.96 25.24 13.75
C THR B 59 -16.56 25.78 15.12
N ARG B 60 -15.25 25.77 15.38
CA ARG B 60 -14.61 26.48 16.47
C ARG B 60 -13.49 27.33 15.90
N ASN B 61 -13.30 28.52 16.47
CA ASN B 61 -12.22 29.44 16.13
C ASN B 61 -11.55 29.89 17.41
N ALA B 62 -10.25 30.18 17.32
CA ALA B 62 -9.58 30.89 18.40
C ALA B 62 -10.03 32.36 18.40
N GLN B 63 -9.90 33.01 19.57
CA GLN B 63 -10.52 34.31 19.73
C GLN B 63 -9.90 35.36 18.82
N LYS B 64 -8.60 35.28 18.55
CA LYS B 64 -7.95 36.22 17.65
C LYS B 64 -8.57 36.24 16.26
N PHE B 65 -9.26 35.19 15.85
CA PHE B 65 -9.82 35.13 14.50
C PHE B 65 -11.34 35.20 14.48
N GLN B 66 -11.98 35.39 15.63
CA GLN B 66 -13.45 35.40 15.69
C GLN B 66 -14.03 36.47 14.77
N GLY B 67 -14.80 36.03 13.78
CA GLY B 67 -15.47 36.92 12.86
C GLY B 67 -14.82 37.07 11.50
N ARG B 68 -13.56 36.68 11.35
CA ARG B 68 -12.89 36.90 10.07
C ARG B 68 -12.38 35.63 9.42
N VAL B 69 -12.65 34.45 10.00
CA VAL B 69 -12.17 33.22 9.41
C VAL B 69 -13.36 32.34 9.04
N THR B 70 -13.26 31.68 7.90
CA THR B 70 -14.24 30.71 7.45
C THR B 70 -13.48 29.47 6.99
N ILE B 71 -13.72 28.36 7.67
CA ILE B 71 -13.06 27.09 7.38
C ILE B 71 -14.12 26.13 6.88
N SER B 72 -13.87 25.48 5.74
CA SER B 72 -14.85 24.60 5.16
C SER B 72 -14.17 23.41 4.52
N ASP B 73 -14.97 22.38 4.24
CA ASP B 73 -14.44 21.12 3.75
C ASP B 73 -15.40 20.57 2.70
N ASP B 74 -14.88 20.26 1.52
CA ASP B 74 -15.65 19.70 0.42
C ASP B 74 -15.53 18.18 0.48
N LYS B 75 -16.54 17.53 1.05
CA LYS B 75 -16.51 16.09 1.24
C LYS B 75 -16.53 15.32 -0.07
N SER B 76 -17.02 15.93 -1.15
CA SER B 76 -17.04 15.23 -2.44
C SER B 76 -15.66 15.21 -3.08
N THR B 77 -14.95 16.35 -3.06
CA THR B 77 -13.63 16.43 -3.67
C THR B 77 -12.50 16.12 -2.71
N GLY B 78 -12.75 16.19 -1.41
CA GLY B 78 -11.67 16.09 -0.44
C GLY B 78 -10.82 17.33 -0.34
N THR B 79 -11.33 18.48 -0.77
CA THR B 79 -10.57 19.72 -0.74
C THR B 79 -11.11 20.61 0.37
N GLY B 80 -10.23 21.02 1.28
CA GLY B 80 -10.58 21.92 2.34
C GLY B 80 -10.10 23.33 2.08
N HIS B 81 -10.65 24.29 2.83
CA HIS B 81 -10.33 25.69 2.62
C HIS B 81 -10.29 26.42 3.96
N MET B 82 -9.38 27.40 4.03
CA MET B 82 -9.43 28.43 5.06
C MET B 82 -9.44 29.77 4.35
N GLU B 83 -10.49 30.55 4.58
CA GLU B 83 -10.49 31.95 4.18
C GLU B 83 -10.24 32.79 5.42
N LEU B 84 -9.23 33.66 5.36
CA LEU B 84 -8.91 34.60 6.43
C LEU B 84 -9.10 36.00 5.88
N ARG B 85 -9.91 36.80 6.57
CA ARG B 85 -10.30 38.13 6.13
C ARG B 85 -9.64 39.19 7.01
N SER B 86 -9.70 40.45 6.54
CA SER B 86 -9.22 41.58 7.34
C SER B 86 -7.75 41.42 7.71
N LEU B 87 -6.97 40.88 6.76
CA LEU B 87 -5.57 40.57 7.01
C LEU B 87 -4.81 41.76 7.61
N ARG B 88 -4.02 41.48 8.64
CA ARG B 88 -3.06 42.42 9.16
C ARG B 88 -1.64 41.84 9.04
N SER B 89 -0.64 42.72 9.16
CA SER B 89 0.75 42.29 9.03
C SER B 89 1.13 41.22 10.05
N GLU B 90 0.57 41.27 11.27
CA GLU B 90 0.75 40.19 12.23
C GLU B 90 0.25 38.81 11.75
N ASP B 91 -0.54 38.75 10.68
CA ASP B 91 -1.00 37.47 10.11
C ASP B 91 0.04 36.79 9.22
N THR B 92 1.19 37.41 8.96
CA THR B 92 2.24 36.75 8.18
C THR B 92 2.69 35.48 8.89
N ALA B 93 2.68 34.35 8.18
CA ALA B 93 2.85 33.08 8.85
C ALA B 93 2.79 31.98 7.82
N VAL B 94 3.32 30.81 8.18
CA VAL B 94 3.06 29.61 7.42
C VAL B 94 1.76 29.04 7.99
N TYR B 95 0.77 28.84 7.13
CA TYR B 95 -0.51 28.24 7.51
C TYR B 95 -0.50 26.77 7.13
N TYR B 96 -0.88 25.91 8.08
CA TYR B 96 -0.90 24.47 7.88
C TYR B 96 -2.33 23.95 7.95
N CYS B 97 -2.69 23.11 6.98
CA CYS B 97 -3.91 22.31 7.00
C CYS B 97 -3.65 21.07 7.86
N VAL B 98 -4.62 20.66 8.68
CA VAL B 98 -4.47 19.40 9.41
C VAL B 98 -5.80 18.66 9.35
N ARG B 99 -5.72 17.33 9.29
CA ARG B 99 -6.91 16.48 9.30
C ARG B 99 -6.76 15.45 10.40
N SER B 100 -7.87 15.16 11.09
CA SER B 100 -7.89 14.23 12.22
C SER B 100 -8.77 13.04 11.86
N VAL B 101 -8.36 11.85 12.29
CA VAL B 101 -9.01 10.61 11.86
C VAL B 101 -9.89 10.02 12.96
N THR B 102 -9.36 9.89 14.17
CA THR B 102 -10.05 9.20 15.27
C THR B 102 -10.40 10.22 16.35
N PRO B 103 -11.67 10.56 16.54
CA PRO B 103 -12.03 11.56 17.56
C PRO B 103 -11.88 10.98 18.96
N ARG B 104 -11.58 11.87 19.91
CA ARG B 104 -11.25 11.48 21.27
C ARG B 104 -12.23 12.01 22.28
N TYR B 105 -12.84 13.17 22.02
CA TYR B 105 -13.96 13.58 22.83
C TYR B 105 -14.79 14.56 22.02
N CYS B 106 -16.08 14.61 22.32
CA CYS B 106 -16.98 15.56 21.70
C CYS B 106 -17.79 16.28 22.78
N GLY B 107 -18.23 17.48 22.42
CA GLY B 107 -18.89 18.40 23.31
C GLY B 107 -19.53 19.44 22.43
N GLY B 108 -20.82 19.64 22.63
CA GLY B 108 -21.70 20.14 21.60
C GLY B 108 -21.30 21.35 20.82
N GLY B 109 -21.38 21.27 19.50
CA GLY B 109 -21.44 19.98 18.82
C GLY B 109 -20.16 19.77 17.97
N PHE B 110 -19.01 19.72 18.65
CA PHE B 110 -17.69 19.71 18.01
C PHE B 110 -16.89 18.57 18.60
N CYS B 111 -15.89 18.09 17.87
CA CYS B 111 -15.10 16.96 18.33
C CYS B 111 -13.62 17.26 18.22
N TYR B 112 -12.83 16.61 19.08
CA TYR B 112 -11.44 16.98 19.27
C TYR B 112 -10.58 15.71 19.37
N GLY B 113 -9.33 15.84 18.95
CA GLY B 113 -8.35 14.79 19.10
C GLY B 113 -7.02 15.22 18.49
N GLU B 114 -6.05 14.31 18.54
CA GLU B 114 -4.74 14.56 17.92
C GLU B 114 -4.89 14.84 16.42
N PHE B 115 -3.85 15.53 15.87
CA PHE B 115 -3.80 15.89 14.45
C PHE B 115 -2.94 14.87 13.69
N ASP B 116 -3.59 13.98 12.94
CA ASP B 116 -2.89 12.90 12.26
C ASP B 116 -2.04 13.38 11.11
N TYR B 117 -2.62 14.19 10.23
CA TYR B 117 -2.03 14.53 8.95
C TYR B 117 -1.90 16.05 8.79
N TRP B 118 -0.74 16.50 8.32
CA TRP B 118 -0.44 17.91 8.15
C TRP B 118 -0.14 18.21 6.68
N GLY B 119 -0.66 19.33 6.18
CA GLY B 119 -0.21 19.80 4.89
C GLY B 119 1.23 20.29 4.96
N GLN B 120 1.83 20.52 3.79
CA GLN B 120 3.21 21.04 3.80
C GLN B 120 3.28 22.53 4.15
N GLY B 121 2.17 23.23 4.16
CA GLY B 121 2.21 24.59 4.68
C GLY B 121 2.23 25.62 3.56
N THR B 122 1.64 26.78 3.85
CA THR B 122 1.48 27.87 2.89
C THR B 122 1.92 29.15 3.57
N LEU B 123 2.98 29.77 3.06
CA LEU B 123 3.43 31.03 3.62
C LEU B 123 2.53 32.12 3.08
N VAL B 124 1.94 32.89 3.99
CA VAL B 124 1.13 34.06 3.63
C VAL B 124 1.83 35.26 4.22
N THR B 125 2.24 36.18 3.35
CA THR B 125 2.83 37.44 3.78
C THR B 125 1.81 38.55 3.60
N VAL B 126 1.64 39.36 4.63
CA VAL B 126 0.77 40.52 4.56
C VAL B 126 1.66 41.75 4.66
N SER B 127 1.68 42.54 3.60
CA SER B 127 2.59 43.67 3.54
C SER B 127 2.04 44.73 2.58
N SER B 128 2.32 45.98 2.90
CA SER B 128 2.04 47.08 1.99
C SER B 128 3.13 47.31 0.96
N ALA B 129 4.24 46.57 1.04
CA ALA B 129 5.35 46.84 0.14
C ALA B 129 5.13 46.14 -1.20
N SER B 130 5.88 46.58 -2.21
CA SER B 130 5.71 46.04 -3.56
C SER B 130 6.39 44.68 -3.71
N THR B 131 5.74 43.79 -4.45
CA THR B 131 6.31 42.51 -4.82
C THR B 131 7.39 42.69 -5.88
N LYS B 132 8.50 41.95 -5.72
CA LYS B 132 9.65 42.10 -6.61
C LYS B 132 10.30 40.73 -6.83
N GLY B 133 10.45 40.34 -8.10
CA GLY B 133 11.06 39.07 -8.42
C GLY B 133 12.58 39.18 -8.33
N PRO B 134 13.26 38.06 -8.19
CA PRO B 134 14.70 38.11 -7.89
C PRO B 134 15.55 38.20 -9.16
N SER B 135 16.78 38.68 -8.97
CA SER B 135 17.84 38.52 -9.96
C SER B 135 18.69 37.31 -9.56
N VAL B 136 19.01 36.44 -10.53
CA VAL B 136 19.76 35.23 -10.23
C VAL B 136 21.12 35.35 -10.92
N PHE B 137 22.20 35.19 -10.14
CA PHE B 137 23.57 35.27 -10.61
C PHE B 137 24.35 34.00 -10.26
N PRO B 138 25.29 33.57 -11.11
CA PRO B 138 26.03 32.35 -10.81
C PRO B 138 27.09 32.58 -9.75
N LEU B 139 27.28 31.57 -8.90
CA LEU B 139 28.48 31.49 -8.06
C LEU B 139 29.36 30.43 -8.73
N ALA B 140 30.30 30.90 -9.54
CA ALA B 140 31.02 30.02 -10.45
C ALA B 140 32.06 29.20 -9.69
N PRO B 141 32.25 27.94 -10.04
CA PRO B 141 33.28 27.13 -9.37
C PRO B 141 34.68 27.60 -9.76
N SER B 142 35.58 27.59 -8.79
CA SER B 142 36.96 28.03 -9.02
C SER B 142 37.81 26.99 -9.75
N GLY B 149 39.37 17.12 -4.54
CA GLY B 149 38.53 16.58 -5.60
C GLY B 149 37.08 17.04 -5.59
N THR B 150 36.75 18.01 -4.72
CA THR B 150 35.39 18.54 -4.56
C THR B 150 35.36 20.04 -4.82
N ALA B 151 34.49 20.47 -5.72
CA ALA B 151 34.34 21.88 -6.03
C ALA B 151 32.97 22.35 -5.52
N ALA B 152 32.84 23.64 -5.23
CA ALA B 152 31.54 24.21 -4.86
C ALA B 152 31.10 25.20 -5.92
N LEU B 153 29.80 25.25 -6.18
CA LEU B 153 29.23 26.23 -7.08
C LEU B 153 27.85 26.58 -6.56
N GLY B 154 27.23 27.58 -7.16
CA GLY B 154 25.96 27.98 -6.59
C GLY B 154 25.26 29.01 -7.42
N CYS B 155 24.16 29.52 -6.86
CA CYS B 155 23.40 30.62 -7.45
C CYS B 155 23.06 31.59 -6.34
N LEU B 156 23.27 32.87 -6.61
CA LEU B 156 22.90 33.95 -5.72
C LEU B 156 21.55 34.48 -6.19
N VAL B 157 20.63 34.62 -5.27
CA VAL B 157 19.25 34.98 -5.62
C VAL B 157 18.95 36.28 -4.90
N LYS B 158 19.07 37.40 -5.59
CA LYS B 158 19.19 38.69 -4.95
C LYS B 158 17.95 39.57 -5.18
N ASP B 159 17.58 40.32 -4.14
CA ASP B 159 16.67 41.47 -4.24
C ASP B 159 15.26 41.03 -4.63
N TYR B 160 14.63 40.21 -3.80
CA TYR B 160 13.24 39.84 -4.04
C TYR B 160 12.38 40.14 -2.82
N PHE B 161 11.05 40.12 -3.04
CA PHE B 161 10.10 40.35 -1.98
C PHE B 161 8.72 39.87 -2.42
N PRO B 162 7.96 39.17 -1.55
CA PRO B 162 8.39 38.73 -0.23
C PRO B 162 9.02 37.34 -0.34
N GLU B 163 9.26 36.67 0.79
CA GLU B 163 9.51 35.24 0.78
C GLU B 163 8.29 34.52 0.25
N PRO B 164 8.45 33.27 -0.23
CA PRO B 164 9.69 32.50 -0.33
C PRO B 164 10.17 32.33 -1.75
N VAL B 165 11.44 31.95 -1.94
CA VAL B 165 11.82 31.34 -3.21
C VAL B 165 12.24 29.90 -2.91
N THR B 166 12.07 29.04 -3.92
CA THR B 166 12.61 27.69 -3.89
C THR B 166 13.71 27.58 -4.95
N VAL B 167 14.74 26.78 -4.66
CA VAL B 167 15.81 26.52 -5.60
C VAL B 167 15.94 25.00 -5.75
N SER B 168 15.93 24.51 -6.97
CA SER B 168 16.30 23.14 -7.25
C SER B 168 17.50 23.17 -8.21
N TRP B 169 18.17 22.03 -8.35
CA TRP B 169 19.31 21.95 -9.25
C TRP B 169 19.07 20.86 -10.28
N ASN B 170 19.35 21.20 -11.54
CA ASN B 170 19.16 20.28 -12.66
C ASN B 170 17.76 19.65 -12.62
N SER B 171 16.77 20.51 -12.37
CA SER B 171 15.35 20.13 -12.34
C SER B 171 15.11 19.00 -11.36
N GLY B 172 15.82 19.02 -10.25
CA GLY B 172 15.62 18.06 -9.20
C GLY B 172 16.48 16.82 -9.29
N ALA B 173 17.24 16.66 -10.38
CA ALA B 173 18.11 15.49 -10.46
C ALA B 173 19.30 15.61 -9.53
N LEU B 174 19.65 16.82 -9.06
CA LEU B 174 20.78 17.01 -8.17
C LEU B 174 20.26 17.50 -6.82
N THR B 175 20.36 16.66 -5.77
CA THR B 175 19.84 17.04 -4.46
C THR B 175 20.89 16.81 -3.39
N SER B 176 21.77 15.84 -3.61
CA SER B 176 22.81 15.55 -2.63
C SER B 176 23.83 16.69 -2.59
N GLY B 177 24.17 17.13 -1.38
CA GLY B 177 25.14 18.20 -1.18
C GLY B 177 24.61 19.62 -1.37
N VAL B 178 23.31 19.78 -1.63
CA VAL B 178 22.74 21.10 -1.88
C VAL B 178 22.46 21.77 -0.54
N HIS B 179 22.85 23.03 -0.40
CA HIS B 179 22.45 23.84 0.75
C HIS B 179 21.82 25.11 0.21
N THR B 180 20.54 25.31 0.50
CA THR B 180 19.87 26.55 0.15
C THR B 180 19.67 27.27 1.47
N PHE B 181 20.38 28.41 1.62
CA PHE B 181 20.48 29.11 2.89
C PHE B 181 19.19 29.86 3.20
N PRO B 182 18.88 30.04 4.48
CA PRO B 182 17.77 30.94 4.85
C PRO B 182 17.99 32.32 4.24
N ALA B 183 16.92 32.93 3.75
CA ALA B 183 17.04 34.28 3.22
C ALA B 183 17.45 35.25 4.33
N VAL B 184 18.11 36.31 3.92
CA VAL B 184 18.44 37.42 4.82
C VAL B 184 17.71 38.65 4.31
N LEU B 185 17.17 39.44 5.24
CA LEU B 185 16.59 40.73 4.90
C LEU B 185 17.70 41.78 4.80
N GLN B 186 17.84 42.40 3.63
CA GLN B 186 18.82 43.45 3.41
C GLN B 186 18.30 44.80 3.88
N SER B 187 19.24 45.75 4.01
CA SER B 187 18.87 47.08 4.49
C SER B 187 17.86 47.76 3.58
N SER B 188 17.85 47.38 2.31
CA SER B 188 16.86 47.86 1.34
C SER B 188 15.47 47.30 1.56
N GLY B 189 15.27 46.40 2.51
CA GLY B 189 13.97 45.77 2.70
C GLY B 189 13.68 44.63 1.74
N LEU B 190 14.64 44.27 0.88
CA LEU B 190 14.55 43.14 -0.01
C LEU B 190 15.35 41.97 0.54
N TYR B 191 14.92 40.75 0.18
CA TYR B 191 15.57 39.52 0.60
C TYR B 191 16.65 39.11 -0.40
N SER B 192 17.59 38.31 0.08
CA SER B 192 18.62 37.69 -0.75
C SER B 192 18.92 36.32 -0.15
N LEU B 193 19.23 35.33 -0.99
CA LEU B 193 19.76 34.08 -0.47
C LEU B 193 20.75 33.51 -1.50
N SER B 194 21.49 32.49 -1.08
CA SER B 194 22.30 31.69 -1.99
C SER B 194 21.92 30.24 -1.85
N SER B 195 22.12 29.49 -2.92
CA SER B 195 22.02 28.03 -2.91
C SER B 195 23.32 27.50 -3.50
N VAL B 196 23.96 26.58 -2.78
CA VAL B 196 25.25 26.02 -3.19
C VAL B 196 25.15 24.50 -3.24
N VAL B 197 26.09 23.90 -3.96
CA VAL B 197 26.17 22.44 -4.04
C VAL B 197 27.64 22.08 -4.25
N THR B 198 28.06 20.96 -3.67
CA THR B 198 29.41 20.46 -3.88
C THR B 198 29.34 19.30 -4.84
N VAL B 199 30.28 19.26 -5.78
CA VAL B 199 30.27 18.32 -6.91
C VAL B 199 31.71 17.86 -7.14
N PRO B 200 31.89 16.75 -7.83
CA PRO B 200 33.28 16.35 -8.16
C PRO B 200 33.94 17.37 -9.06
N SER B 201 35.20 17.73 -8.71
CA SER B 201 35.95 18.68 -9.53
C SER B 201 36.09 18.18 -10.96
N SER B 202 36.14 16.87 -11.13
CA SER B 202 36.30 16.33 -12.47
C SER B 202 35.03 16.45 -13.29
N SER B 203 33.92 16.91 -12.70
CA SER B 203 32.71 17.15 -13.48
C SER B 203 32.67 18.56 -14.06
N LEU B 204 33.60 19.43 -13.67
CA LEU B 204 33.45 20.84 -14.04
C LEU B 204 33.73 21.00 -15.54
N GLY B 205 32.80 21.64 -16.25
CA GLY B 205 32.93 21.83 -17.68
C GLY B 205 32.40 20.68 -18.52
N THR B 206 32.11 19.55 -17.89
CA THR B 206 31.50 18.40 -18.56
C THR B 206 30.06 18.19 -18.16
N GLN B 207 29.77 18.28 -16.85
CA GLN B 207 28.41 18.18 -16.36
C GLN B 207 27.78 19.56 -16.38
N THR B 208 26.58 19.66 -16.91
CA THR B 208 25.88 20.94 -16.90
C THR B 208 25.21 21.15 -15.53
N TYR B 209 25.30 22.37 -15.03
CA TYR B 209 24.65 22.69 -13.75
C TYR B 209 23.73 23.88 -13.97
N ILE B 210 22.45 23.71 -13.68
CA ILE B 210 21.46 24.77 -13.81
C ILE B 210 20.70 24.87 -12.49
N CYS B 211 20.60 26.07 -11.93
CA CYS B 211 19.73 26.26 -10.78
C CYS B 211 18.39 26.75 -11.28
N ASN B 212 17.32 26.12 -10.78
CA ASN B 212 15.94 26.47 -11.13
C ASN B 212 15.35 27.25 -9.96
N VAL B 213 15.13 28.54 -10.17
CA VAL B 213 14.67 29.45 -9.12
C VAL B 213 13.21 29.77 -9.34
N ASN B 214 12.39 29.56 -8.32
CA ASN B 214 10.95 29.83 -8.40
C ASN B 214 10.57 30.84 -7.34
N HIS B 215 9.92 31.93 -7.76
CA HIS B 215 9.39 32.93 -6.82
C HIS B 215 7.89 33.07 -7.11
N LYS B 216 7.08 32.30 -6.40
CA LYS B 216 5.65 32.27 -6.69
C LYS B 216 4.97 33.63 -6.54
N PRO B 217 5.23 34.45 -5.49
CA PRO B 217 4.51 35.74 -5.38
C PRO B 217 4.63 36.64 -6.58
N SER B 218 5.73 36.57 -7.34
CA SER B 218 5.89 37.35 -8.55
C SER B 218 5.75 36.50 -9.80
N ASN B 219 5.25 35.27 -9.64
CA ASN B 219 5.17 34.27 -10.71
C ASN B 219 6.38 34.32 -11.63
N THR B 220 7.56 34.26 -11.02
CA THR B 220 8.82 34.20 -11.73
C THR B 220 9.38 32.78 -11.65
N LYS B 221 9.86 32.26 -12.78
CA LYS B 221 10.61 31.01 -12.86
C LYS B 221 11.85 31.28 -13.68
N VAL B 222 13.02 31.11 -13.09
CA VAL B 222 14.30 31.40 -13.75
C VAL B 222 15.17 30.15 -13.71
N ASP B 223 15.80 29.85 -14.84
CA ASP B 223 16.83 28.83 -14.92
C ASP B 223 18.15 29.53 -15.18
N LYS B 224 19.14 29.29 -14.33
CA LYS B 224 20.44 29.93 -14.50
C LYS B 224 21.50 28.86 -14.67
N LYS B 225 22.26 28.95 -15.76
CA LYS B 225 23.37 28.04 -16.00
C LYS B 225 24.60 28.51 -15.21
N VAL B 226 25.28 27.60 -14.54
CA VAL B 226 26.45 27.90 -13.73
C VAL B 226 27.63 27.13 -14.30
N GLU B 227 28.63 27.85 -14.80
CA GLU B 227 29.79 27.20 -15.39
C GLU B 227 31.05 27.93 -14.95
N PRO B 228 32.20 27.28 -15.01
CA PRO B 228 33.44 27.97 -14.64
C PRO B 228 33.68 29.14 -15.59
N LYS B 229 34.29 30.19 -15.06
CA LYS B 229 34.59 31.37 -15.87
C LYS B 229 35.74 31.09 -16.83
N SER B 230 35.75 31.82 -17.95
CA SER B 230 36.87 31.77 -18.91
C SER B 230 38.15 32.38 -18.34
N GLU C 3 -2.68 26.08 28.90
CA GLU C 3 -1.44 26.60 28.30
C GLU C 3 -0.25 25.71 28.67
N LEU C 4 0.66 25.45 27.71
CA LEU C 4 1.70 24.43 27.83
C LEU C 4 3.08 25.07 27.84
N THR C 5 3.95 24.63 28.75
CA THR C 5 5.30 25.15 28.87
C THR C 5 6.32 24.06 28.62
N GLN C 6 7.20 24.28 27.63
CA GLN C 6 8.32 23.40 27.36
C GLN C 6 9.61 24.07 27.80
N SER C 7 10.31 23.45 28.75
CA SER C 7 11.55 24.00 29.26
C SER C 7 12.50 22.83 29.45
N PRO C 8 13.74 22.93 28.97
CA PRO C 8 14.30 24.12 28.32
C PRO C 8 13.88 24.24 26.86
N ALA C 9 14.04 25.44 26.28
CA ALA C 9 13.64 25.65 24.90
C ALA C 9 14.62 25.02 23.91
N THR C 10 15.81 24.63 24.39
CA THR C 10 16.80 23.99 23.53
C THR C 10 17.46 22.85 24.30
N LEU C 11 17.97 21.89 23.53
CA LEU C 11 18.67 20.71 24.03
C LEU C 11 19.77 20.35 23.03
N SER C 12 20.92 19.91 23.55
CA SER C 12 22.05 19.48 22.74
C SER C 12 22.50 18.15 23.32
N VAL C 13 22.36 17.08 22.54
CA VAL C 13 22.49 15.71 23.04
C VAL C 13 23.29 14.89 22.03
N SER C 14 24.12 13.95 22.53
CA SER C 14 25.00 13.10 21.73
C SER C 14 24.28 11.90 21.12
N PRO C 15 24.71 11.45 19.94
CA PRO C 15 24.08 10.27 19.34
C PRO C 15 24.28 9.03 20.20
N GLY C 16 23.30 8.14 20.15
CA GLY C 16 23.29 6.97 20.99
C GLY C 16 22.72 7.18 22.38
N GLU C 17 22.77 8.42 22.90
CA GLU C 17 22.26 8.69 24.24
C GLU C 17 20.74 8.92 24.20
N ARG C 18 20.18 9.21 25.37
CA ARG C 18 18.75 9.35 25.55
C ARG C 18 18.40 10.82 25.73
N ALA C 19 17.33 11.26 25.06
CA ALA C 19 16.86 12.64 25.17
C ALA C 19 15.52 12.65 25.89
N THR C 20 15.39 13.54 26.88
CA THR C 20 14.19 13.65 27.69
C THR C 20 13.63 15.05 27.56
N LEU C 21 12.38 15.17 27.10
CA LEU C 21 11.75 16.46 26.88
C LEU C 21 10.56 16.63 27.80
N SER C 22 10.36 17.86 28.25
CA SER C 22 9.38 18.17 29.27
C SER C 22 8.27 19.07 28.72
N CYS C 23 7.02 18.73 29.05
CA CYS C 23 5.85 19.57 28.77
C CYS C 23 5.06 19.72 30.06
N ARG C 24 4.82 20.95 30.49
CA ARG C 24 4.04 21.24 31.70
C ARG C 24 2.79 21.99 31.31
N ALA C 25 1.61 21.44 31.68
CA ALA C 25 0.35 22.13 31.45
C ALA C 25 -0.01 22.96 32.68
N SER C 26 -0.56 24.15 32.45
CA SER C 26 -0.89 25.04 33.55
C SER C 26 -2.12 24.56 34.32
N GLN C 27 -2.85 23.61 33.77
CA GLN C 27 -4.08 23.07 34.35
C GLN C 27 -4.23 21.69 33.75
N SER C 28 -4.92 20.80 34.44
CA SER C 28 -4.97 19.42 33.99
C SER C 28 -5.51 19.34 32.57
N VAL C 29 -4.90 18.46 31.77
CA VAL C 29 -5.39 18.06 30.45
C VAL C 29 -5.61 16.56 30.40
N SER C 30 -5.64 15.92 31.58
CA SER C 30 -5.74 14.47 31.73
C SER C 30 -4.68 13.80 30.86
N SER C 31 -5.08 12.91 29.93
CA SER C 31 -4.14 12.30 29.01
C SER C 31 -4.31 12.80 27.57
N ASN C 32 -5.05 13.88 27.35
CA ASN C 32 -5.31 14.37 25.99
C ASN C 32 -4.15 15.26 25.55
N LEU C 33 -3.01 14.63 25.34
CA LEU C 33 -1.81 15.36 24.96
C LEU C 33 -1.07 14.62 23.85
N ALA C 34 -0.62 15.38 22.86
CA ALA C 34 0.12 14.84 21.71
C ALA C 34 1.49 15.50 21.61
N TRP C 35 2.44 14.78 21.00
CA TRP C 35 3.76 15.28 20.70
C TRP C 35 3.95 15.27 19.19
N TYR C 36 4.56 16.32 18.65
CA TYR C 36 4.84 16.39 17.22
C TYR C 36 6.32 16.63 17.01
N GLN C 37 6.82 16.20 15.85
CA GLN C 37 8.20 16.49 15.47
C GLN C 37 8.21 17.34 14.22
N GLN C 38 8.99 18.42 14.22
CA GLN C 38 9.08 19.27 13.04
C GLN C 38 10.55 19.33 12.65
N LYS C 39 10.88 18.56 11.59
CA LYS C 39 12.21 18.60 10.99
C LYS C 39 12.36 19.87 10.16
N PRO C 40 13.61 20.33 9.95
CA PRO C 40 13.81 21.58 9.19
C PRO C 40 13.09 21.58 7.86
N GLY C 41 12.34 22.65 7.61
CA GLY C 41 11.68 22.81 6.33
C GLY C 41 10.52 21.88 6.07
N GLN C 42 10.09 21.09 7.05
CA GLN C 42 8.96 20.18 6.85
C GLN C 42 7.83 20.57 7.78
N ALA C 43 6.66 20.02 7.49
CA ALA C 43 5.52 20.10 8.36
C ALA C 43 5.76 19.23 9.59
N PRO C 44 5.11 19.55 10.71
CA PRO C 44 5.21 18.67 11.88
C PRO C 44 4.63 17.31 11.54
N ARG C 45 5.10 16.27 12.24
CA ARG C 45 4.49 14.96 12.11
C ARG C 45 4.16 14.43 13.50
N LEU C 46 3.04 13.72 13.59
CA LEU C 46 2.56 13.25 14.89
C LEU C 46 3.44 12.12 15.40
N LEU C 47 3.92 12.22 16.63
CA LEU C 47 4.70 11.14 17.24
C LEU C 47 3.88 10.33 18.24
N ILE C 48 3.21 11.01 19.16
CA ILE C 48 2.60 10.41 20.35
C ILE C 48 1.22 11.02 20.51
N TYR C 49 0.23 10.22 20.89
CA TYR C 49 -1.05 10.79 21.29
C TYR C 49 -1.52 10.10 22.56
N GLY C 50 -2.56 10.66 23.16
CA GLY C 50 -3.05 10.13 24.43
C GLY C 50 -1.94 10.00 25.44
N ALA C 51 -1.00 10.96 25.44
CA ALA C 51 0.14 11.07 26.33
C ALA C 51 1.18 9.98 26.09
N SER C 52 0.76 8.75 25.76
CA SER C 52 1.73 7.67 25.71
C SER C 52 1.60 6.70 24.53
N THR C 53 0.66 6.89 23.62
CA THR C 53 0.46 5.96 22.52
C THR C 53 1.25 6.42 21.30
N ARG C 54 2.12 5.55 20.78
CA ARG C 54 2.87 5.85 19.57
C ARG C 54 1.95 5.89 18.37
N ALA C 55 2.12 6.90 17.53
CA ALA C 55 1.35 6.94 16.29
C ALA C 55 1.90 5.92 15.32
N THR C 56 1.08 5.57 14.33
CA THR C 56 1.49 4.54 13.37
C THR C 56 2.73 4.98 12.61
N GLY C 57 3.67 4.05 12.46
CA GLY C 57 4.88 4.31 11.70
C GLY C 57 5.95 5.05 12.45
N ILE C 58 5.82 5.22 13.75
CA ILE C 58 6.79 5.93 14.58
C ILE C 58 7.72 4.90 15.22
N PRO C 59 9.03 5.04 15.08
CA PRO C 59 9.94 4.06 15.69
C PRO C 59 9.77 3.99 17.20
N ALA C 60 10.01 2.78 17.74
CA ALA C 60 9.69 2.49 19.14
C ALA C 60 10.56 3.26 20.13
N ARG C 61 11.71 3.79 19.69
CA ARG C 61 12.55 4.58 20.57
C ARG C 61 11.92 5.93 20.97
N PHE C 62 10.78 6.29 20.37
CA PHE C 62 10.00 7.44 20.81
C PHE C 62 8.96 6.96 21.80
N SER C 63 8.94 7.57 22.99
CA SER C 63 8.06 7.08 24.05
C SER C 63 7.56 8.26 24.85
N GLY C 64 6.24 8.32 25.10
CA GLY C 64 5.72 9.39 25.92
C GLY C 64 5.20 8.88 27.25
N SER C 65 5.15 9.74 28.26
CA SER C 65 4.52 9.38 29.52
C SER C 65 3.94 10.62 30.20
N GLY C 66 3.14 10.39 31.22
CA GLY C 66 2.56 11.44 32.01
C GLY C 66 1.06 11.50 31.88
N SER C 67 0.45 12.29 32.76
CA SER C 67 -0.97 12.57 32.84
C SER C 67 -1.19 13.77 33.76
N GLY C 68 -2.31 14.44 33.58
CA GLY C 68 -2.60 15.64 34.35
C GLY C 68 -1.86 16.88 33.86
N THR C 69 -0.71 17.19 34.44
CA THR C 69 0.02 18.39 34.06
C THR C 69 1.48 18.16 33.69
N GLU C 70 2.05 17.00 33.99
CA GLU C 70 3.47 16.72 33.78
C GLU C 70 3.62 15.64 32.71
N PHE C 71 4.33 15.96 31.63
CA PHE C 71 4.46 15.04 30.50
C PHE C 71 5.90 14.98 30.03
N THR C 72 6.29 13.83 29.50
CA THR C 72 7.67 13.62 29.09
C THR C 72 7.71 12.85 27.78
N LEU C 73 8.44 13.39 26.81
CA LEU C 73 8.78 12.67 25.59
C LEU C 73 10.20 12.16 25.69
N THR C 74 10.38 10.86 25.51
CA THR C 74 11.72 10.26 25.61
C THR C 74 12.12 9.70 24.24
N VAL C 75 13.27 10.14 23.75
CA VAL C 75 13.88 9.58 22.55
C VAL C 75 15.07 8.76 22.99
N SER C 76 14.97 7.45 22.82
CA SER C 76 16.06 6.56 23.21
C SER C 76 16.99 6.35 22.02
N ARG C 77 18.29 6.30 22.32
CA ARG C 77 19.29 6.12 21.28
C ARG C 77 19.09 7.15 20.18
N LEU C 78 19.51 8.39 20.44
CA LEU C 78 19.34 9.47 19.49
C LEU C 78 20.18 9.21 18.24
N GLU C 79 19.63 9.58 17.09
CA GLU C 79 20.35 9.55 15.84
C GLU C 79 20.28 10.91 15.16
N PRO C 80 21.08 11.13 14.10
CA PRO C 80 21.12 12.47 13.47
C PRO C 80 19.78 12.94 12.93
N GLU C 81 18.99 12.03 12.38
CA GLU C 81 17.66 12.36 11.86
C GLU C 81 16.74 12.96 12.90
N ASP C 82 17.07 12.87 14.19
CA ASP C 82 16.19 13.38 15.24
C ASP C 82 16.40 14.86 15.52
N SER C 83 17.35 15.51 14.84
CA SER C 83 17.55 16.96 14.94
C SER C 83 16.28 17.66 14.49
N ALA C 84 15.58 18.36 15.40
CA ALA C 84 14.25 18.84 15.08
C ALA C 84 13.73 19.68 16.24
N VAL C 85 12.61 20.36 16.00
CA VAL C 85 11.82 20.96 17.06
C VAL C 85 10.67 20.03 17.41
N TYR C 86 10.45 19.82 18.71
CA TYR C 86 9.37 18.97 19.21
C TYR C 86 8.37 19.84 19.97
N PHE C 87 7.09 19.73 19.61
CA PHE C 87 6.04 20.51 20.25
C PHE C 87 5.06 19.56 20.92
N CYS C 88 4.61 19.93 22.12
CA CYS C 88 3.45 19.24 22.70
C CYS C 88 2.18 20.02 22.36
N GLN C 89 1.04 19.37 22.58
CA GLN C 89 -0.23 19.95 22.20
C GLN C 89 -1.33 19.27 23.02
N GLN C 90 -2.28 20.05 23.54
CA GLN C 90 -3.37 19.46 24.34
C GLN C 90 -4.68 19.61 23.59
N TYR C 91 -5.51 18.57 23.68
CA TYR C 91 -6.86 18.57 23.12
C TYR C 91 -7.86 18.19 24.21
N TYR C 92 -7.63 18.69 25.41
CA TYR C 92 -8.53 18.46 26.53
C TYR C 92 -9.68 19.46 26.58
N ARG C 93 -9.40 20.72 26.26
CA ARG C 93 -10.39 21.78 26.24
C ARG C 93 -10.05 22.76 25.13
N SER C 94 -11.05 23.52 24.71
CA SER C 94 -10.90 24.56 23.69
C SER C 94 -10.56 25.89 24.36
N PRO C 95 -9.68 26.74 23.79
CA PRO C 95 -8.97 26.56 22.52
C PRO C 95 -7.83 25.56 22.64
N LEU C 96 -7.61 24.80 21.56
CA LEU C 96 -6.41 23.97 21.49
C LEU C 96 -5.17 24.83 21.62
N THR C 97 -4.19 24.32 22.33
CA THR C 97 -2.95 25.06 22.51
C THR C 97 -1.75 24.15 22.29
N PHE C 98 -0.64 24.75 21.87
CA PHE C 98 0.66 24.09 21.71
C PHE C 98 1.67 24.65 22.69
N GLY C 99 2.59 23.81 23.14
CA GLY C 99 3.79 24.31 23.80
C GLY C 99 4.66 25.10 22.83
N GLY C 100 5.61 25.84 23.38
CA GLY C 100 6.49 26.65 22.54
C GLY C 100 7.58 25.90 21.79
N GLY C 101 7.77 24.62 22.07
CA GLY C 101 8.77 23.84 21.36
C GLY C 101 10.08 23.72 22.10
N THR C 102 10.76 22.60 21.89
CA THR C 102 12.14 22.40 22.29
C THR C 102 12.91 21.97 21.06
N LYS C 103 13.97 22.73 20.71
CA LYS C 103 14.78 22.43 19.54
C LYS C 103 15.95 21.55 19.97
N VAL C 104 15.99 20.32 19.45
CA VAL C 104 17.03 19.36 19.81
C VAL C 104 18.13 19.41 18.75
N GLU C 105 19.37 19.72 19.16
CA GLU C 105 20.56 19.61 18.33
C GLU C 105 21.28 18.31 18.65
N ILE C 106 21.71 17.61 17.61
CA ILE C 106 22.42 16.34 17.78
C ILE C 106 23.91 16.64 17.72
N LYS C 107 24.64 16.25 18.77
CA LYS C 107 26.08 16.49 18.78
C LYS C 107 26.78 15.55 17.79
N ARG C 108 27.98 15.95 17.39
CA ARG C 108 28.85 15.12 16.57
C ARG C 108 30.28 15.57 16.84
N THR C 109 31.24 14.87 16.24
CA THR C 109 32.62 15.28 16.36
C THR C 109 32.82 16.67 15.75
N VAL C 110 33.81 17.39 16.26
CA VAL C 110 34.20 18.66 15.66
C VAL C 110 34.57 18.42 14.19
N ALA C 111 34.03 19.25 13.30
CA ALA C 111 34.38 19.23 11.88
C ALA C 111 34.71 20.65 11.44
N ALA C 112 35.88 20.81 10.82
CA ALA C 112 36.27 22.10 10.29
C ALA C 112 35.42 22.45 9.07
N PRO C 113 35.18 23.72 8.82
CA PRO C 113 34.50 24.09 7.57
C PRO C 113 35.44 23.88 6.39
N SER C 114 34.87 23.44 5.28
CA SER C 114 35.53 23.57 3.99
C SER C 114 35.12 24.93 3.42
N VAL C 115 36.10 25.76 3.05
CA VAL C 115 35.86 27.18 2.78
C VAL C 115 36.01 27.44 1.28
N PHE C 116 35.05 28.17 0.72
CA PHE C 116 35.05 28.55 -0.70
C PHE C 116 34.74 30.03 -0.81
N ILE C 117 35.40 30.72 -1.73
CA ILE C 117 35.10 32.12 -1.99
C ILE C 117 34.66 32.25 -3.44
N PHE C 118 33.72 33.16 -3.69
CA PHE C 118 33.14 33.34 -5.00
C PHE C 118 33.17 34.82 -5.33
N PRO C 119 33.76 35.21 -6.45
CA PRO C 119 33.78 36.62 -6.83
C PRO C 119 32.42 37.03 -7.34
N PRO C 120 32.11 38.32 -7.39
CA PRO C 120 30.86 38.75 -8.04
C PRO C 120 30.87 38.38 -9.51
N SER C 121 29.71 38.04 -10.03
CA SER C 121 29.58 37.77 -11.45
C SER C 121 29.78 39.04 -12.28
N ASP C 122 30.23 38.87 -13.53
CA ASP C 122 30.31 40.02 -14.44
C ASP C 122 28.95 40.66 -14.64
N GLU C 123 27.91 39.82 -14.83
CA GLU C 123 26.56 40.32 -15.01
C GLU C 123 26.12 41.20 -13.85
N GLN C 124 26.25 40.72 -12.60
CA GLN C 124 25.87 41.56 -11.46
C GLN C 124 26.71 42.83 -11.40
N LEU C 125 28.03 42.72 -11.61
CA LEU C 125 28.91 43.88 -11.45
C LEU C 125 28.57 44.96 -12.46
N LYS C 126 28.18 44.57 -13.67
CA LYS C 126 27.73 45.50 -14.69
C LYS C 126 26.58 46.37 -14.21
N SER C 127 25.67 45.80 -13.41
CA SER C 127 24.49 46.49 -12.89
C SER C 127 24.78 47.38 -11.68
N GLY C 128 26.05 47.57 -11.31
CA GLY C 128 26.40 48.59 -10.33
C GLY C 128 26.65 48.09 -8.93
N THR C 129 26.54 46.79 -8.67
CA THR C 129 26.75 46.23 -7.34
C THR C 129 27.56 44.95 -7.43
N ALA C 130 28.34 44.70 -6.38
CA ALA C 130 29.20 43.51 -6.29
C ALA C 130 28.82 42.74 -5.04
N SER C 131 28.43 41.48 -5.19
CA SER C 131 28.27 40.60 -4.04
C SER C 131 29.42 39.61 -4.03
N VAL C 132 30.16 39.56 -2.92
CA VAL C 132 31.25 38.59 -2.75
C VAL C 132 30.79 37.57 -1.71
N VAL C 133 30.83 36.28 -2.06
CA VAL C 133 30.26 35.25 -1.20
C VAL C 133 31.35 34.32 -0.68
N CYS C 134 31.34 34.10 0.63
CA CYS C 134 32.23 33.15 1.28
C CYS C 134 31.36 32.05 1.89
N LEU C 135 31.67 30.81 1.53
CA LEU C 135 30.93 29.63 1.95
C LEU C 135 31.77 28.84 2.94
N LEU C 136 31.19 28.55 4.09
CA LEU C 136 31.75 27.62 5.07
C LEU C 136 30.88 26.38 5.03
N ASN C 137 31.42 25.28 4.50
CA ASN C 137 30.60 24.12 4.23
C ASN C 137 30.83 23.03 5.26
N ASN C 138 29.73 22.49 5.80
CA ASN C 138 29.67 21.25 6.59
C ASN C 138 30.60 21.27 7.80
N PHE C 139 30.28 22.12 8.78
CA PHE C 139 31.14 22.22 9.95
C PHE C 139 30.34 21.99 11.23
N TYR C 140 31.07 21.81 12.34
CA TYR C 140 30.47 21.58 13.66
C TYR C 140 31.53 21.88 14.71
N PRO C 141 31.19 22.60 15.79
CA PRO C 141 29.88 23.16 16.12
C PRO C 141 29.56 24.42 15.30
N ARG C 142 28.35 24.95 15.55
CA ARG C 142 27.77 26.05 14.78
C ARG C 142 28.56 27.36 14.89
N GLU C 143 29.28 27.57 16.00
CA GLU C 143 29.99 28.82 16.19
C GLU C 143 31.13 28.92 15.18
N ALA C 144 31.20 30.05 14.49
CA ALA C 144 32.27 30.29 13.52
C ALA C 144 32.34 31.77 13.28
N LYS C 145 33.54 32.27 12.96
CA LYS C 145 33.73 33.69 12.71
C LYS C 145 34.22 33.86 11.29
N VAL C 146 33.65 34.83 10.57
CA VAL C 146 34.10 35.15 9.23
C VAL C 146 34.49 36.63 9.22
N GLN C 147 35.73 36.90 8.83
CA GLN C 147 36.19 38.27 8.65
C GLN C 147 36.56 38.50 7.20
N TRP C 148 36.02 39.57 6.64
CA TRP C 148 36.34 40.00 5.28
C TRP C 148 37.51 40.98 5.31
N LYS C 149 38.43 40.80 4.38
CA LYS C 149 39.54 41.73 4.22
C LYS C 149 39.62 42.12 2.76
N VAL C 150 39.69 43.42 2.51
CA VAL C 150 39.80 43.95 1.15
C VAL C 150 41.12 44.72 1.07
N ASP C 151 42.06 44.20 0.27
CA ASP C 151 43.43 44.71 0.23
C ASP C 151 43.99 44.88 1.64
N ASN C 152 43.90 43.80 2.41
CA ASN C 152 44.33 43.66 3.80
C ASN C 152 43.56 44.53 4.79
N ALA C 153 42.67 45.42 4.34
CA ALA C 153 41.84 46.21 5.24
C ALA C 153 40.66 45.39 5.75
N LEU C 154 40.57 45.22 7.07
CA LEU C 154 39.45 44.48 7.66
C LEU C 154 38.15 45.25 7.47
N GLN C 155 37.11 44.55 7.01
CA GLN C 155 35.81 45.16 6.73
C GLN C 155 34.89 45.07 7.95
N SER C 156 33.91 45.98 7.99
CA SER C 156 32.92 46.03 9.04
C SER C 156 31.64 46.63 8.49
N GLY C 157 30.49 46.08 8.90
CA GLY C 157 29.20 46.66 8.55
C GLY C 157 28.72 46.41 7.14
N ASN C 158 29.50 45.77 6.26
CA ASN C 158 29.06 45.59 4.88
C ASN C 158 28.92 44.10 4.50
N SER C 159 28.60 43.24 5.46
CA SER C 159 28.41 41.82 5.21
C SER C 159 27.23 41.29 6.00
N GLN C 160 26.57 40.27 5.47
CA GLN C 160 25.51 39.57 6.19
C GLN C 160 25.76 38.07 6.10
N GLU C 161 25.38 37.34 7.15
CA GLU C 161 25.60 35.91 7.24
C GLU C 161 24.25 35.19 7.28
N SER C 162 24.25 33.95 6.84
CA SER C 162 23.09 33.09 6.98
C SER C 162 23.60 31.69 7.24
N VAL C 163 22.93 30.95 8.10
CA VAL C 163 23.43 29.65 8.52
C VAL C 163 22.30 28.65 8.36
N THR C 164 22.63 27.48 7.77
CA THR C 164 21.59 26.46 7.62
C THR C 164 21.17 25.89 8.97
N GLU C 165 19.99 25.27 8.96
CA GLU C 165 19.63 24.40 10.06
C GLU C 165 20.57 23.20 10.05
N GLN C 166 20.67 22.54 11.20
CA GLN C 166 21.50 21.35 11.30
C GLN C 166 21.05 20.30 10.28
N ASP C 167 22.03 19.72 9.59
CA ASP C 167 21.77 18.70 8.59
C ASP C 167 21.27 17.44 9.27
N SER C 168 20.17 16.87 8.75
CA SER C 168 19.57 15.70 9.36
C SER C 168 20.39 14.42 9.15
N LYS C 169 21.36 14.43 8.25
CA LYS C 169 22.16 13.23 7.97
C LYS C 169 23.54 13.24 8.61
N ASP C 170 24.30 14.33 8.50
CA ASP C 170 25.65 14.39 9.04
C ASP C 170 25.78 15.35 10.21
N SER C 171 24.68 15.95 10.65
CA SER C 171 24.65 16.80 11.84
C SER C 171 25.57 18.02 11.74
N THR C 172 25.91 18.46 10.53
CA THR C 172 26.72 19.65 10.32
C THR C 172 25.85 20.86 10.01
N TYR C 173 26.50 22.03 10.03
CA TYR C 173 25.96 23.31 9.60
C TYR C 173 26.75 23.79 8.39
N SER C 174 26.13 24.64 7.59
CA SER C 174 26.88 25.44 6.62
C SER C 174 26.51 26.90 6.82
N LEU C 175 27.38 27.79 6.37
CA LEU C 175 27.21 29.21 6.61
C LEU C 175 27.66 29.96 5.37
N SER C 176 26.90 31.00 5.00
CA SER C 176 27.34 31.86 3.91
C SER C 176 27.49 33.27 4.45
N SER C 177 28.57 33.95 4.07
CA SER C 177 28.75 35.35 4.37
C SER C 177 28.85 36.10 3.05
N THR C 178 28.03 37.12 2.90
CA THR C 178 27.98 37.89 1.67
C THR C 178 28.48 39.31 1.95
N LEU C 179 29.53 39.72 1.24
CA LEU C 179 30.05 41.08 1.32
C LEU C 179 29.46 41.89 0.15
N THR C 180 28.80 43.00 0.45
CA THR C 180 28.13 43.77 -0.60
C THR C 180 28.81 45.12 -0.79
N LEU C 181 29.17 45.43 -2.03
CA LEU C 181 29.86 46.67 -2.37
C LEU C 181 29.21 47.28 -3.60
N SER C 182 29.35 48.60 -3.74
CA SER C 182 29.06 49.21 -5.03
C SER C 182 30.11 48.78 -6.04
N LYS C 183 29.72 48.81 -7.32
CA LYS C 183 30.69 48.53 -8.38
C LYS C 183 31.92 49.41 -8.27
N ALA C 184 31.73 50.67 -7.89
CA ALA C 184 32.85 51.60 -7.82
C ALA C 184 33.80 51.24 -6.71
N ASP C 185 33.27 50.89 -5.54
CA ASP C 185 34.16 50.47 -4.45
C ASP C 185 34.85 49.16 -4.80
N TYR C 186 34.15 48.27 -5.51
CA TYR C 186 34.73 46.98 -5.85
C TYR C 186 35.93 47.14 -6.78
N GLU C 187 35.83 48.06 -7.75
CA GLU C 187 36.91 48.24 -8.72
C GLU C 187 38.08 49.06 -8.20
N LYS C 188 37.97 49.65 -7.01
CA LYS C 188 39.10 50.35 -6.43
C LYS C 188 40.06 49.42 -5.70
N HIS C 189 39.75 48.12 -5.63
CA HIS C 189 40.58 47.20 -4.86
C HIS C 189 40.80 45.93 -5.66
N LYS C 190 41.75 45.12 -5.18
CA LYS C 190 42.27 43.99 -5.92
C LYS C 190 42.09 42.67 -5.19
N VAL C 191 42.55 42.58 -3.94
CA VAL C 191 42.55 41.31 -3.21
C VAL C 191 41.32 41.23 -2.33
N TYR C 192 40.55 40.15 -2.48
CA TYR C 192 39.35 39.93 -1.70
C TYR C 192 39.51 38.61 -0.97
N ALA C 193 39.44 38.66 0.36
CA ALA C 193 39.71 37.48 1.16
C ALA C 193 38.67 37.37 2.27
N CYS C 194 38.28 36.14 2.60
CA CYS C 194 37.52 35.91 3.82
C CYS C 194 38.36 35.02 4.72
N GLU C 195 38.42 35.37 5.99
CA GLU C 195 39.23 34.63 6.94
C GLU C 195 38.30 33.96 7.94
N VAL C 196 38.46 32.66 8.09
CA VAL C 196 37.50 31.83 8.81
C VAL C 196 38.18 31.32 10.06
N THR C 197 37.56 31.58 11.20
CA THR C 197 38.01 31.05 12.46
C THR C 197 36.98 30.05 12.97
N HIS C 198 37.44 28.87 13.33
CA HIS C 198 36.55 27.83 13.79
C HIS C 198 37.32 26.89 14.69
N GLN C 199 36.60 26.30 15.64
CA GLN C 199 37.22 25.39 16.60
C GLN C 199 38.00 24.28 15.90
N GLY C 200 37.44 23.74 14.82
CA GLY C 200 38.06 22.63 14.10
C GLY C 200 39.30 23.00 13.31
N LEU C 201 39.70 24.26 13.30
CA LEU C 201 40.86 24.73 12.57
C LEU C 201 41.93 25.12 13.59
N SER C 202 43.12 24.51 13.47
CA SER C 202 44.22 24.89 14.36
C SER C 202 44.58 26.36 14.17
N SER C 203 44.55 26.83 12.94
CA SER C 203 44.76 28.23 12.60
C SER C 203 43.68 28.70 11.64
N PRO C 204 43.36 29.99 11.63
CA PRO C 204 42.37 30.52 10.67
C PRO C 204 42.70 30.21 9.22
N VAL C 205 41.68 29.73 8.46
CA VAL C 205 41.80 29.51 7.03
C VAL C 205 41.46 30.82 6.31
N THR C 206 42.22 31.15 5.29
CA THR C 206 41.90 32.29 4.45
C THR C 206 41.73 31.79 3.02
N LYS C 207 40.61 32.17 2.39
CA LYS C 207 40.43 31.96 0.96
C LYS C 207 40.34 33.31 0.29
N SER C 208 40.95 33.45 -0.88
CA SER C 208 41.00 34.77 -1.52
C SER C 208 41.00 34.63 -3.03
N PHE C 209 40.78 35.78 -3.69
CA PHE C 209 40.99 35.91 -5.12
C PHE C 209 41.41 37.34 -5.40
N ASN C 210 42.02 37.54 -6.56
CA ASN C 210 42.37 38.86 -7.05
C ASN C 210 41.42 39.24 -8.18
N ARG C 211 40.82 40.42 -8.07
CA ARG C 211 39.91 40.90 -9.09
C ARG C 211 40.58 40.88 -10.47
N GLY C 212 39.97 40.17 -11.40
CA GLY C 212 40.55 39.94 -12.72
C GLY C 212 41.52 38.78 -12.81
N GLU C 213 41.52 37.88 -11.84
CA GLU C 213 42.45 36.75 -11.78
C GLU C 213 43.92 37.20 -11.79
N LEU D 4 -2.19 -10.15 -8.90
CA LEU D 4 -3.43 -10.61 -9.53
C LEU D 4 -3.32 -10.64 -11.07
N LEU D 5 -3.47 -11.83 -11.64
CA LEU D 5 -3.28 -12.06 -13.07
C LEU D 5 -4.59 -12.51 -13.70
N GLU D 6 -4.99 -11.84 -14.78
CA GLU D 6 -6.24 -12.14 -15.46
C GLU D 6 -5.95 -12.89 -16.75
N GLN D 7 -6.60 -14.03 -16.92
CA GLN D 7 -6.44 -14.90 -18.07
C GLN D 7 -7.66 -14.80 -18.99
N SER D 8 -7.43 -15.12 -20.27
CA SER D 8 -8.50 -15.13 -21.25
C SER D 8 -9.53 -16.21 -20.91
N GLY D 9 -10.71 -16.09 -21.54
CA GLY D 9 -11.84 -16.90 -21.14
C GLY D 9 -11.77 -18.36 -21.60
N ALA D 10 -12.64 -19.17 -20.99
CA ALA D 10 -12.74 -20.60 -21.28
C ALA D 10 -13.09 -20.84 -22.75
N GLU D 11 -12.74 -22.03 -23.23
CA GLU D 11 -12.93 -22.29 -24.65
C GLU D 11 -13.08 -23.78 -24.91
N VAL D 12 -13.85 -24.11 -25.94
CA VAL D 12 -13.93 -25.48 -26.45
C VAL D 12 -13.23 -25.52 -27.81
N LYS D 13 -12.36 -26.51 -28.00
CA LYS D 13 -11.53 -26.66 -29.19
C LYS D 13 -11.63 -28.08 -29.69
N LYS D 14 -11.58 -28.25 -31.01
CA LYS D 14 -11.75 -29.59 -31.55
C LYS D 14 -10.40 -30.31 -31.53
N PRO D 15 -10.41 -31.64 -31.53
CA PRO D 15 -9.13 -32.38 -31.56
C PRO D 15 -8.34 -31.99 -32.80
N GLY D 16 -7.03 -31.87 -32.61
CA GLY D 16 -6.13 -31.47 -33.67
C GLY D 16 -5.93 -29.98 -33.80
N SER D 17 -6.81 -29.17 -33.23
CA SER D 17 -6.72 -27.72 -33.37
C SER D 17 -5.74 -27.12 -32.35
N SER D 18 -5.62 -25.79 -32.35
CA SER D 18 -4.72 -25.07 -31.48
C SER D 18 -5.51 -24.13 -30.58
N VAL D 19 -4.99 -23.90 -29.37
CA VAL D 19 -5.56 -22.95 -28.43
C VAL D 19 -4.48 -21.96 -28.00
N LYS D 20 -4.87 -20.69 -27.87
CA LYS D 20 -3.99 -19.63 -27.39
C LYS D 20 -4.68 -18.93 -26.23
N VAL D 21 -4.07 -19.00 -25.05
CA VAL D 21 -4.60 -18.37 -23.84
C VAL D 21 -3.65 -17.23 -23.47
N SER D 22 -4.22 -16.13 -23.01
CA SER D 22 -3.45 -14.95 -22.66
C SER D 22 -3.47 -14.74 -21.15
N CYS D 23 -2.45 -14.01 -20.68
CA CYS D 23 -2.27 -13.71 -19.26
C CYS D 23 -1.86 -12.24 -19.14
N GLU D 24 -2.83 -11.38 -18.80
CA GLU D 24 -2.62 -9.95 -18.65
C GLU D 24 -2.45 -9.56 -17.19
N THR D 25 -1.84 -8.40 -16.97
CA THR D 25 -1.59 -7.88 -15.63
C THR D 25 -2.68 -6.87 -15.25
N SER D 26 -3.26 -7.06 -14.07
CA SER D 26 -4.34 -6.21 -13.58
C SER D 26 -3.87 -4.76 -13.41
N GLY D 27 -3.07 -4.50 -12.39
CA GLY D 27 -2.56 -3.15 -12.18
C GLY D 27 -1.46 -2.81 -13.18
N GLY D 28 -0.62 -1.83 -12.83
CA GLY D 28 0.57 -1.60 -13.62
C GLY D 28 1.51 -2.78 -13.58
N THR D 29 2.46 -2.77 -14.51
CA THR D 29 3.41 -3.88 -14.57
C THR D 29 4.26 -3.93 -13.30
N PHE D 30 4.65 -5.14 -12.93
CA PHE D 30 5.47 -5.36 -11.74
C PHE D 30 6.71 -6.16 -12.14
N ASP D 31 7.65 -6.26 -11.21
CA ASP D 31 8.93 -6.90 -11.47
C ASP D 31 8.78 -8.43 -11.48
N ASN D 32 9.07 -9.05 -12.60
CA ASN D 32 9.11 -10.50 -12.61
C ASN D 32 10.04 -10.95 -13.73
N TYR D 33 10.68 -12.10 -13.52
CA TYR D 33 11.67 -12.57 -14.49
C TYR D 33 11.19 -13.72 -15.37
N ALA D 34 10.06 -14.39 -15.06
CA ALA D 34 9.67 -15.49 -15.92
C ALA D 34 8.16 -15.72 -15.86
N LEU D 35 7.64 -16.28 -16.96
CA LEU D 35 6.25 -16.66 -17.10
C LEU D 35 6.21 -18.16 -17.35
N ASN D 36 5.49 -18.90 -16.51
CA ASN D 36 5.33 -20.33 -16.75
C ASN D 36 3.84 -20.64 -16.86
N TRP D 37 3.54 -21.85 -17.36
CA TRP D 37 2.17 -22.35 -17.45
C TRP D 37 2.11 -23.74 -16.85
N VAL D 38 0.99 -23.99 -16.17
CA VAL D 38 0.76 -25.17 -15.36
C VAL D 38 -0.70 -25.52 -15.61
N ARG D 39 -1.02 -26.80 -15.76
CA ARG D 39 -2.43 -27.13 -15.95
C ARG D 39 -2.92 -28.12 -14.92
N GLN D 40 -4.23 -28.17 -14.80
CA GLN D 40 -4.89 -29.06 -13.85
C GLN D 40 -6.07 -29.70 -14.57
N ALA D 41 -5.95 -30.98 -14.88
CA ALA D 41 -6.89 -31.73 -15.69
C ALA D 41 -8.00 -32.23 -14.76
N PRO D 42 -9.02 -32.93 -15.31
CA PRO D 42 -10.02 -33.56 -14.43
C PRO D 42 -9.50 -34.51 -13.35
N GLY D 43 -8.74 -35.53 -13.72
CA GLY D 43 -7.90 -36.21 -12.74
C GLY D 43 -6.91 -35.24 -12.16
N GLN D 44 -6.95 -35.06 -10.85
CA GLN D 44 -6.48 -33.80 -10.26
C GLN D 44 -5.01 -33.88 -9.91
N GLY D 45 -4.16 -33.79 -10.92
CA GLY D 45 -2.71 -33.75 -10.68
C GLY D 45 -1.99 -32.59 -11.35
N LEU D 46 -1.58 -31.54 -10.61
CA LEU D 46 -0.96 -30.36 -11.24
C LEU D 46 0.28 -30.72 -12.04
N GLU D 47 0.38 -30.13 -13.23
CA GLU D 47 1.38 -30.50 -14.23
C GLU D 47 1.97 -29.25 -14.87
N TRP D 48 3.29 -29.14 -14.83
CA TRP D 48 4.01 -28.03 -15.45
C TRP D 48 4.11 -28.23 -16.96
N ILE D 49 3.81 -27.17 -17.71
CA ILE D 49 3.89 -27.20 -19.16
C ILE D 49 5.22 -26.63 -19.66
N GLY D 50 5.53 -25.41 -19.25
CA GLY D 50 6.74 -24.79 -19.75
C GLY D 50 6.80 -23.35 -19.30
N GLY D 51 7.85 -22.65 -19.76
CA GLY D 51 8.05 -21.28 -19.31
C GLY D 51 9.04 -20.57 -20.19
N VAL D 52 9.08 -19.25 -20.03
CA VAL D 52 9.97 -18.38 -20.78
C VAL D 52 10.56 -17.35 -19.83
N VAL D 53 11.82 -16.99 -20.05
CA VAL D 53 12.49 -15.91 -19.32
C VAL D 53 12.71 -14.82 -20.36
N PRO D 54 11.85 -13.81 -20.42
CA PRO D 54 11.85 -12.93 -21.60
C PRO D 54 13.12 -12.09 -21.76
N LEU D 55 13.79 -11.71 -20.66
CA LEU D 55 15.04 -10.94 -20.77
C LEU D 55 16.08 -11.69 -21.59
N PHE D 56 16.15 -13.01 -21.42
CA PHE D 56 17.15 -13.79 -22.12
C PHE D 56 16.58 -14.47 -23.36
N GLY D 57 15.27 -14.42 -23.57
CA GLY D 57 14.66 -15.04 -24.74
C GLY D 57 14.75 -16.54 -24.78
N THR D 58 14.78 -17.19 -23.62
CA THR D 58 14.95 -18.62 -23.54
C THR D 58 13.65 -19.25 -23.06
N THR D 59 13.42 -20.48 -23.50
CA THR D 59 12.23 -21.24 -23.12
C THR D 59 12.64 -22.63 -22.64
N ARG D 60 11.80 -23.23 -21.82
CA ARG D 60 11.92 -24.62 -21.42
C ARG D 60 10.51 -25.19 -21.42
N ASN D 61 10.37 -26.44 -21.89
CA ASN D 61 9.08 -27.13 -21.91
C ASN D 61 9.25 -28.55 -21.35
N ALA D 62 8.20 -29.04 -20.70
CA ALA D 62 8.14 -30.46 -20.39
C ALA D 62 8.22 -31.28 -21.68
N GLN D 63 8.84 -32.47 -21.58
CA GLN D 63 9.04 -33.30 -22.76
C GLN D 63 7.72 -33.70 -23.42
N LYS D 64 6.66 -33.85 -22.63
CA LYS D 64 5.35 -34.20 -23.16
C LYS D 64 4.82 -33.14 -24.14
N PHE D 65 5.26 -31.90 -23.99
CA PHE D 65 4.76 -30.80 -24.81
C PHE D 65 5.78 -30.33 -25.83
N GLN D 66 6.94 -31.00 -25.90
CA GLN D 66 7.99 -30.62 -26.85
C GLN D 66 7.46 -30.65 -28.27
N GLY D 67 7.53 -29.51 -28.96
CA GLY D 67 7.15 -29.40 -30.35
C GLY D 67 5.76 -28.83 -30.58
N ARG D 68 4.88 -28.84 -29.57
CA ARG D 68 3.52 -28.40 -29.81
C ARG D 68 3.08 -27.33 -28.82
N VAL D 69 4.00 -26.74 -28.08
CA VAL D 69 3.66 -25.59 -27.24
C VAL D 69 4.63 -24.44 -27.53
N THR D 70 4.09 -23.21 -27.52
CA THR D 70 4.85 -21.97 -27.66
C THR D 70 4.44 -21.00 -26.57
N ILE D 71 5.38 -20.65 -25.69
CA ILE D 71 5.14 -19.76 -24.56
C ILE D 71 5.98 -18.50 -24.76
N SER D 72 5.32 -17.35 -24.80
CA SER D 72 5.96 -16.06 -25.00
C SER D 72 5.44 -15.06 -23.98
N ASP D 73 6.17 -13.94 -23.86
CA ASP D 73 5.80 -12.90 -22.91
C ASP D 73 6.22 -11.54 -23.45
N ASP D 74 5.26 -10.61 -23.47
CA ASP D 74 5.50 -9.24 -23.93
C ASP D 74 5.69 -8.36 -22.69
N LYS D 75 6.94 -7.95 -22.45
CA LYS D 75 7.23 -7.14 -21.27
C LYS D 75 6.78 -5.70 -21.40
N SER D 76 6.55 -5.21 -22.63
CA SER D 76 6.08 -3.84 -22.78
C SER D 76 4.59 -3.69 -22.47
N THR D 77 3.80 -4.76 -22.66
CA THR D 77 2.38 -4.75 -22.34
C THR D 77 2.02 -5.61 -21.14
N GLY D 78 2.96 -6.41 -20.63
CA GLY D 78 2.67 -7.27 -19.50
C GLY D 78 1.73 -8.41 -19.80
N THR D 79 1.59 -8.79 -21.07
CA THR D 79 0.68 -9.84 -21.50
C THR D 79 1.48 -11.04 -21.98
N GLY D 80 1.24 -12.20 -21.37
CA GLY D 80 1.86 -13.45 -21.76
C GLY D 80 0.88 -14.36 -22.51
N HIS D 81 1.45 -15.39 -23.13
CA HIS D 81 0.64 -16.27 -23.96
C HIS D 81 1.20 -17.70 -23.90
N MET D 82 0.28 -18.67 -24.00
CA MET D 82 0.64 -20.06 -24.27
C MET D 82 -0.19 -20.51 -25.45
N GLU D 83 0.45 -21.00 -26.49
CA GLU D 83 -0.25 -21.66 -27.59
C GLU D 83 0.03 -23.15 -27.46
N LEU D 84 -1.04 -23.95 -27.40
CA LEU D 84 -0.92 -25.40 -27.37
C LEU D 84 -1.57 -25.97 -28.63
N ARG D 85 -0.84 -26.81 -29.35
CA ARG D 85 -1.24 -27.27 -30.67
C ARG D 85 -1.52 -28.78 -30.64
N SER D 86 -2.12 -29.26 -31.72
CA SER D 86 -2.53 -30.67 -31.87
C SER D 86 -3.29 -31.16 -30.63
N LEU D 87 -4.32 -30.41 -30.27
CA LEU D 87 -5.01 -30.69 -29.03
C LEU D 87 -5.63 -32.09 -29.05
N ARG D 88 -5.49 -32.80 -27.93
CA ARG D 88 -6.03 -34.13 -27.66
C ARG D 88 -6.99 -34.04 -26.48
N SER D 89 -7.80 -35.10 -26.28
CA SER D 89 -8.76 -35.07 -25.18
C SER D 89 -8.07 -34.96 -23.83
N GLU D 90 -6.91 -35.59 -23.68
CA GLU D 90 -6.07 -35.43 -22.50
C GLU D 90 -5.69 -33.99 -22.19
N ASP D 91 -5.82 -33.06 -23.14
CA ASP D 91 -5.46 -31.66 -22.88
C ASP D 91 -6.60 -30.86 -22.24
N THR D 92 -7.80 -31.42 -22.12
CA THR D 92 -8.87 -30.76 -21.36
C THR D 92 -8.41 -30.53 -19.92
N ALA D 93 -8.48 -29.29 -19.46
CA ALA D 93 -7.80 -28.93 -18.23
C ALA D 93 -8.01 -27.46 -17.93
N VAL D 94 -7.83 -27.09 -16.67
CA VAL D 94 -7.70 -25.68 -16.31
C VAL D 94 -6.22 -25.34 -16.45
N TYR D 95 -5.93 -24.32 -17.26
CA TYR D 95 -4.57 -23.84 -17.51
C TYR D 95 -4.34 -22.57 -16.70
N TYR D 96 -3.26 -22.56 -15.94
CA TYR D 96 -2.90 -21.45 -15.07
C TYR D 96 -1.63 -20.79 -15.57
N CYS D 97 -1.67 -19.47 -15.71
CA CYS D 97 -0.52 -18.58 -15.83
C CYS D 97 0.17 -18.40 -14.48
N VAL D 98 1.51 -18.36 -14.46
CA VAL D 98 2.22 -18.03 -13.21
C VAL D 98 3.40 -17.11 -13.51
N ARG D 99 3.70 -16.22 -12.57
CA ARG D 99 4.84 -15.31 -12.70
C ARG D 99 5.72 -15.39 -11.46
N SER D 100 7.04 -15.36 -11.68
CA SER D 100 8.03 -15.56 -10.64
C SER D 100 8.86 -14.28 -10.50
N VAL D 101 9.20 -13.93 -9.27
CA VAL D 101 9.78 -12.62 -8.98
C VAL D 101 11.28 -12.71 -8.72
N THR D 102 11.68 -13.65 -7.87
CA THR D 102 13.07 -13.72 -7.41
C THR D 102 13.69 -15.02 -7.89
N PRO D 103 14.63 -14.99 -8.84
CA PRO D 103 15.25 -16.23 -9.30
C PRO D 103 16.04 -16.88 -8.18
N ARG D 104 16.10 -18.21 -8.22
CA ARG D 104 16.82 -18.98 -7.23
C ARG D 104 18.01 -19.71 -7.81
N TYR D 105 17.95 -20.07 -9.09
CA TYR D 105 19.18 -20.49 -9.74
C TYR D 105 18.98 -20.41 -11.24
N CYS D 106 20.09 -20.27 -11.96
CA CYS D 106 20.03 -20.23 -13.41
C CYS D 106 21.06 -21.16 -13.99
N GLY D 107 20.74 -21.64 -15.18
CA GLY D 107 21.56 -22.57 -15.93
C GLY D 107 21.24 -22.34 -17.39
N GLY D 108 22.29 -22.14 -18.18
CA GLY D 108 22.15 -21.43 -19.44
C GLY D 108 21.06 -21.80 -20.40
N GLY D 109 20.26 -20.82 -20.81
CA GLY D 109 20.26 -19.52 -20.16
C GLY D 109 18.87 -19.30 -19.56
N PHE D 110 18.50 -20.16 -18.60
CA PHE D 110 17.15 -20.19 -18.05
C PHE D 110 17.23 -20.12 -16.53
N CYS D 111 16.19 -19.57 -15.89
CA CYS D 111 16.19 -19.41 -14.44
C CYS D 111 14.92 -20.02 -13.83
N TYR D 112 15.09 -20.70 -12.71
CA TYR D 112 14.00 -21.37 -11.98
C TYR D 112 13.86 -20.77 -10.59
N GLY D 113 12.68 -20.98 -10.01
CA GLY D 113 12.41 -20.55 -8.66
C GLY D 113 10.94 -20.78 -8.34
N GLU D 114 10.54 -20.36 -7.15
CA GLU D 114 9.16 -20.56 -6.74
C GLU D 114 8.23 -19.67 -7.56
N PHE D 115 6.96 -20.09 -7.65
CA PHE D 115 5.93 -19.40 -8.41
C PHE D 115 5.20 -18.44 -7.47
N ASP D 116 5.38 -17.13 -7.67
CA ASP D 116 4.81 -16.16 -6.73
C ASP D 116 3.35 -15.87 -7.02
N TYR D 117 3.00 -15.63 -8.28
CA TYR D 117 1.66 -15.17 -8.62
C TYR D 117 1.01 -16.15 -9.60
N TRP D 118 -0.27 -16.47 -9.38
CA TRP D 118 -1.02 -17.39 -10.22
C TRP D 118 -2.23 -16.68 -10.81
N GLY D 119 -2.46 -16.90 -12.12
CA GLY D 119 -3.69 -16.46 -12.74
C GLY D 119 -4.90 -17.24 -12.23
N GLN D 120 -6.09 -16.76 -12.60
CA GLN D 120 -7.27 -17.42 -12.06
C GLN D 120 -7.64 -18.70 -12.80
N GLY D 121 -7.03 -18.99 -13.94
CA GLY D 121 -7.28 -20.24 -14.63
C GLY D 121 -8.17 -20.12 -15.84
N THR D 122 -7.89 -20.89 -16.90
CA THR D 122 -8.71 -20.97 -18.09
C THR D 122 -9.04 -22.44 -18.34
N LEU D 123 -10.33 -22.76 -18.36
CA LEU D 123 -10.76 -24.12 -18.71
C LEU D 123 -10.75 -24.26 -20.23
N VAL D 124 -9.92 -25.16 -20.73
CA VAL D 124 -9.91 -25.53 -22.14
C VAL D 124 -10.50 -26.92 -22.25
N THR D 125 -11.63 -27.03 -22.94
CA THR D 125 -12.28 -28.31 -23.17
C THR D 125 -12.01 -28.74 -24.61
N VAL D 126 -11.38 -29.89 -24.80
CA VAL D 126 -11.13 -30.46 -26.12
C VAL D 126 -12.25 -31.44 -26.44
N SER D 127 -13.07 -31.08 -27.42
CA SER D 127 -14.24 -31.88 -27.79
C SER D 127 -14.72 -31.42 -29.16
N SER D 128 -15.30 -32.34 -29.92
CA SER D 128 -15.98 -31.95 -31.15
C SER D 128 -17.41 -31.47 -30.90
N ALA D 129 -17.91 -31.54 -29.67
CA ALA D 129 -19.29 -31.15 -29.39
C ALA D 129 -19.49 -29.64 -29.52
N SER D 130 -20.73 -29.26 -29.79
CA SER D 130 -21.08 -27.88 -30.11
C SER D 130 -21.28 -27.03 -28.86
N THR D 131 -20.98 -25.75 -28.99
CA THR D 131 -21.26 -24.80 -27.92
C THR D 131 -22.76 -24.55 -27.84
N LYS D 132 -23.30 -24.58 -26.62
CA LYS D 132 -24.71 -24.31 -26.39
C LYS D 132 -24.86 -23.47 -25.12
N GLY D 133 -25.66 -22.41 -25.20
CA GLY D 133 -25.97 -21.58 -24.06
C GLY D 133 -27.05 -22.20 -23.20
N PRO D 134 -27.13 -21.78 -21.93
CA PRO D 134 -28.03 -22.43 -20.98
C PRO D 134 -29.45 -21.90 -21.04
N SER D 135 -30.37 -22.71 -20.52
CA SER D 135 -31.68 -22.24 -20.10
C SER D 135 -31.67 -22.01 -18.58
N VAL D 136 -32.41 -21.00 -18.13
CA VAL D 136 -32.40 -20.58 -16.72
C VAL D 136 -33.83 -20.51 -16.21
N PHE D 137 -34.15 -21.33 -15.21
CA PHE D 137 -35.49 -21.41 -14.65
C PHE D 137 -35.50 -21.00 -13.19
N PRO D 138 -36.64 -20.56 -12.66
CA PRO D 138 -36.70 -20.17 -11.25
C PRO D 138 -36.90 -21.37 -10.35
N LEU D 139 -36.25 -21.32 -9.19
CA LEU D 139 -36.54 -22.22 -8.08
C LEU D 139 -37.31 -21.34 -7.08
N ALA D 140 -38.63 -21.41 -7.15
CA ALA D 140 -39.46 -20.45 -6.44
C ALA D 140 -39.52 -20.81 -4.96
N PRO D 141 -39.51 -19.83 -4.07
CA PRO D 141 -39.55 -20.14 -2.64
C PRO D 141 -40.94 -20.59 -2.23
N SER D 142 -40.97 -21.51 -1.27
CA SER D 142 -42.23 -22.02 -0.75
C SER D 142 -42.92 -20.99 0.13
N GLY D 149 -37.90 -19.28 10.23
CA GLY D 149 -38.16 -18.08 9.46
C GLY D 149 -37.25 -17.88 8.25
N THR D 150 -36.61 -18.97 7.79
CA THR D 150 -35.65 -18.93 6.69
C THR D 150 -36.24 -19.64 5.46
N ALA D 151 -36.24 -18.96 4.32
CA ALA D 151 -36.72 -19.52 3.07
C ALA D 151 -35.55 -19.75 2.13
N ALA D 152 -35.75 -20.61 1.12
CA ALA D 152 -34.72 -20.82 0.11
C ALA D 152 -35.31 -20.53 -1.26
N LEU D 153 -34.53 -19.89 -2.12
CA LEU D 153 -34.92 -19.73 -3.50
C LEU D 153 -33.67 -19.88 -4.36
N GLY D 154 -33.82 -19.84 -5.68
CA GLY D 154 -32.67 -20.08 -6.51
C GLY D 154 -33.00 -20.07 -7.99
N CYS D 155 -32.00 -20.48 -8.77
CA CYS D 155 -32.06 -20.55 -10.22
C CYS D 155 -31.46 -21.88 -10.68
N LEU D 156 -32.11 -22.49 -11.67
CA LEU D 156 -31.60 -23.72 -12.29
C LEU D 156 -31.05 -23.34 -13.66
N VAL D 157 -29.79 -23.69 -13.91
CA VAL D 157 -29.10 -23.33 -15.14
C VAL D 157 -28.84 -24.63 -15.87
N LYS D 158 -29.60 -24.88 -16.94
CA LYS D 158 -29.71 -26.20 -17.53
C LYS D 158 -29.25 -26.20 -18.99
N ASP D 159 -28.57 -27.28 -19.40
CA ASP D 159 -28.32 -27.60 -20.82
C ASP D 159 -27.33 -26.63 -21.48
N TYR D 160 -26.09 -26.66 -21.04
CA TYR D 160 -25.07 -25.79 -21.64
C TYR D 160 -23.80 -26.60 -21.85
N PHE D 161 -22.93 -26.06 -22.71
CA PHE D 161 -21.67 -26.72 -23.04
C PHE D 161 -20.81 -25.68 -23.72
N PRO D 162 -19.51 -25.60 -23.41
CA PRO D 162 -18.90 -26.36 -22.32
C PRO D 162 -19.05 -25.59 -20.99
N GLU D 163 -18.36 -26.07 -19.96
CA GLU D 163 -18.20 -25.28 -18.76
C GLU D 163 -17.31 -24.08 -19.03
N PRO D 164 -17.39 -23.03 -18.19
CA PRO D 164 -18.29 -22.88 -17.04
C PRO D 164 -19.37 -21.84 -17.25
N VAL D 165 -20.37 -21.85 -16.38
CA VAL D 165 -21.26 -20.72 -16.19
C VAL D 165 -20.89 -20.11 -14.84
N THR D 166 -21.11 -18.81 -14.72
CA THR D 166 -21.04 -18.13 -13.45
C THR D 166 -22.41 -17.61 -13.08
N VAL D 167 -22.69 -17.55 -11.78
CA VAL D 167 -23.97 -17.07 -11.29
C VAL D 167 -23.73 -16.06 -10.19
N SER D 168 -24.43 -14.94 -10.25
CA SER D 168 -24.45 -13.96 -9.17
C SER D 168 -25.89 -13.64 -8.86
N TRP D 169 -26.11 -12.98 -7.72
CA TRP D 169 -27.45 -12.59 -7.32
C TRP D 169 -27.51 -11.09 -7.14
N ASN D 170 -28.65 -10.52 -7.55
CA ASN D 170 -28.89 -9.08 -7.47
C ASN D 170 -27.64 -8.30 -7.87
N SER D 171 -27.00 -8.75 -8.97
CA SER D 171 -25.83 -8.11 -9.53
C SER D 171 -24.70 -7.98 -8.51
N GLY D 172 -24.47 -9.06 -7.74
CA GLY D 172 -23.38 -9.09 -6.78
C GLY D 172 -23.68 -8.50 -5.41
N ALA D 173 -24.82 -7.85 -5.24
CA ALA D 173 -25.17 -7.30 -3.92
C ALA D 173 -25.56 -8.38 -2.92
N LEU D 174 -25.99 -9.56 -3.37
CA LEU D 174 -26.38 -10.66 -2.49
C LEU D 174 -25.36 -11.77 -2.69
N THR D 175 -24.55 -12.01 -1.67
CA THR D 175 -23.51 -13.03 -1.76
C THR D 175 -23.57 -13.97 -0.56
N SER D 176 -24.04 -13.47 0.57
CA SER D 176 -24.09 -14.26 1.78
C SER D 176 -25.19 -15.31 1.69
N GLY D 177 -24.86 -16.54 2.07
CA GLY D 177 -25.79 -17.63 1.98
C GLY D 177 -25.99 -18.20 0.60
N VAL D 178 -25.31 -17.68 -0.42
CA VAL D 178 -25.45 -18.18 -1.79
C VAL D 178 -24.64 -19.46 -1.93
N HIS D 179 -25.26 -20.49 -2.52
CA HIS D 179 -24.54 -21.71 -2.86
C HIS D 179 -24.76 -21.98 -4.34
N THR D 180 -23.68 -21.89 -5.14
CA THR D 180 -23.71 -22.24 -6.55
C THR D 180 -23.04 -23.60 -6.69
N PHE D 181 -23.83 -24.63 -7.02
CA PHE D 181 -23.29 -25.98 -6.96
C PHE D 181 -22.36 -26.24 -8.14
N PRO D 182 -21.39 -27.16 -7.97
CA PRO D 182 -20.65 -27.67 -9.12
C PRO D 182 -21.59 -28.21 -10.19
N ALA D 183 -21.27 -27.92 -11.44
CA ALA D 183 -22.04 -28.46 -12.57
C ALA D 183 -22.06 -29.97 -12.53
N VAL D 184 -23.18 -30.54 -12.98
CA VAL D 184 -23.32 -31.96 -13.23
C VAL D 184 -23.40 -32.16 -14.73
N LEU D 185 -22.70 -33.18 -15.23
CA LEU D 185 -22.85 -33.63 -16.62
C LEU D 185 -24.09 -34.52 -16.74
N GLN D 186 -25.08 -34.05 -17.49
CA GLN D 186 -26.31 -34.84 -17.63
C GLN D 186 -26.10 -35.97 -18.65
N SER D 187 -27.00 -36.96 -18.63
CA SER D 187 -26.92 -38.05 -19.60
C SER D 187 -27.07 -37.55 -21.05
N SER D 188 -27.63 -36.35 -21.24
CA SER D 188 -27.67 -35.71 -22.54
C SER D 188 -26.32 -35.14 -22.99
N GLY D 189 -25.26 -35.31 -22.19
CA GLY D 189 -23.97 -34.69 -22.43
C GLY D 189 -23.90 -33.18 -22.29
N LEU D 190 -24.97 -32.53 -21.81
CA LEU D 190 -24.94 -31.12 -21.45
C LEU D 190 -24.86 -30.97 -19.93
N TYR D 191 -24.31 -29.84 -19.50
CA TYR D 191 -24.12 -29.53 -18.09
C TYR D 191 -25.36 -28.85 -17.51
N SER D 192 -25.58 -29.06 -16.22
CA SER D 192 -26.61 -28.34 -15.49
C SER D 192 -26.10 -27.99 -14.10
N LEU D 193 -26.62 -26.89 -13.55
CA LEU D 193 -26.36 -26.60 -12.14
C LEU D 193 -27.47 -25.72 -11.61
N SER D 194 -27.55 -25.65 -10.29
CA SER D 194 -28.40 -24.68 -9.62
C SER D 194 -27.55 -23.80 -8.72
N SER D 195 -27.95 -22.53 -8.59
CA SER D 195 -27.47 -21.65 -7.53
C SER D 195 -28.65 -21.31 -6.64
N VAL D 196 -28.47 -21.44 -5.32
CA VAL D 196 -29.55 -21.20 -4.35
C VAL D 196 -29.07 -20.19 -3.30
N VAL D 197 -30.02 -19.65 -2.54
CA VAL D 197 -29.68 -18.72 -1.46
C VAL D 197 -30.77 -18.82 -0.40
N THR D 198 -30.38 -18.68 0.86
CA THR D 198 -31.34 -18.61 1.95
C THR D 198 -31.62 -17.16 2.32
N VAL D 199 -32.89 -16.85 2.58
CA VAL D 199 -33.35 -15.49 2.86
C VAL D 199 -34.39 -15.55 3.95
N PRO D 200 -34.68 -14.42 4.62
CA PRO D 200 -35.78 -14.40 5.58
C PRO D 200 -37.13 -14.47 4.90
N SER D 201 -38.00 -15.32 5.43
CA SER D 201 -39.38 -15.45 4.95
C SER D 201 -40.07 -14.11 4.80
N SER D 202 -39.85 -13.19 5.76
CA SER D 202 -40.49 -11.89 5.68
C SER D 202 -40.04 -11.07 4.48
N SER D 203 -38.98 -11.48 3.78
CA SER D 203 -38.50 -10.77 2.60
C SER D 203 -39.18 -11.24 1.30
N LEU D 204 -39.96 -12.32 1.36
CA LEU D 204 -40.60 -12.87 0.17
C LEU D 204 -41.75 -11.96 -0.27
N GLY D 205 -41.77 -11.63 -1.56
CA GLY D 205 -42.75 -10.71 -2.07
C GLY D 205 -42.44 -9.25 -1.84
N THR D 206 -41.46 -8.93 -0.99
CA THR D 206 -40.99 -7.58 -0.77
C THR D 206 -39.60 -7.37 -1.33
N GLN D 207 -38.68 -8.29 -1.04
CA GLN D 207 -37.33 -8.21 -1.58
C GLN D 207 -37.32 -8.81 -2.99
N THR D 208 -36.72 -8.09 -3.95
CA THR D 208 -36.61 -8.57 -5.32
C THR D 208 -35.34 -9.41 -5.46
N TYR D 209 -35.50 -10.61 -6.03
CA TYR D 209 -34.38 -11.54 -6.21
C TYR D 209 -34.20 -11.85 -7.68
N ILE D 210 -32.98 -11.65 -8.18
CA ILE D 210 -32.62 -11.84 -9.57
C ILE D 210 -31.29 -12.57 -9.64
N CYS D 211 -31.25 -13.73 -10.30
CA CYS D 211 -29.97 -14.38 -10.56
C CYS D 211 -29.42 -13.91 -11.91
N ASN D 212 -28.11 -13.72 -11.97
CA ASN D 212 -27.45 -13.23 -13.17
C ASN D 212 -26.53 -14.31 -13.69
N VAL D 213 -26.88 -14.91 -14.82
CA VAL D 213 -26.16 -16.06 -15.36
C VAL D 213 -25.31 -15.62 -16.54
N ASN D 214 -24.06 -16.07 -16.57
CA ASN D 214 -23.14 -15.71 -17.64
C ASN D 214 -22.51 -16.99 -18.19
N HIS D 215 -22.76 -17.29 -19.47
CA HIS D 215 -22.07 -18.38 -20.15
C HIS D 215 -21.26 -17.74 -21.27
N LYS D 216 -19.98 -17.51 -20.99
CA LYS D 216 -19.14 -16.76 -21.92
C LYS D 216 -18.89 -17.50 -23.23
N PRO D 217 -18.64 -18.81 -23.25
CA PRO D 217 -18.39 -19.47 -24.56
C PRO D 217 -19.50 -19.24 -25.57
N SER D 218 -20.73 -19.00 -25.12
CA SER D 218 -21.86 -18.76 -26.01
C SER D 218 -22.32 -17.31 -26.04
N ASN D 219 -21.64 -16.41 -25.31
CA ASN D 219 -22.09 -15.02 -25.16
C ASN D 219 -23.54 -14.93 -24.69
N THR D 220 -23.90 -15.78 -23.73
CA THR D 220 -25.24 -15.80 -23.16
C THR D 220 -25.22 -15.14 -21.78
N LYS D 221 -26.02 -14.08 -21.62
CA LYS D 221 -26.28 -13.43 -20.34
C LYS D 221 -27.78 -13.49 -20.07
N VAL D 222 -28.16 -14.15 -18.99
CA VAL D 222 -29.56 -14.23 -18.57
C VAL D 222 -29.67 -13.60 -17.18
N ASP D 223 -30.71 -12.78 -16.99
CA ASP D 223 -31.07 -12.23 -15.68
C ASP D 223 -32.49 -12.71 -15.40
N LYS D 224 -32.63 -13.61 -14.43
CA LYS D 224 -33.91 -14.26 -14.12
C LYS D 224 -34.43 -13.74 -12.79
N LYS D 225 -35.66 -13.24 -12.78
CA LYS D 225 -36.33 -12.89 -11.54
C LYS D 225 -36.97 -14.12 -10.91
N VAL D 226 -36.84 -14.23 -9.58
CA VAL D 226 -37.36 -15.34 -8.82
C VAL D 226 -38.29 -14.80 -7.74
N GLU D 227 -39.49 -15.37 -7.65
CA GLU D 227 -40.50 -14.89 -6.73
C GLU D 227 -41.43 -16.03 -6.40
N PRO D 228 -42.11 -15.99 -5.25
CA PRO D 228 -43.02 -17.09 -4.90
C PRO D 228 -44.12 -17.23 -5.94
N LYS D 229 -44.56 -18.47 -6.14
CA LYS D 229 -45.60 -18.74 -7.12
C LYS D 229 -46.90 -18.08 -6.71
N SER D 230 -47.56 -17.44 -7.68
CA SER D 230 -48.80 -16.71 -7.43
C SER D 230 -50.01 -17.57 -7.76
N CYS D 231 -51.02 -17.51 -6.92
CA CYS D 231 -52.23 -18.29 -7.08
C CYS D 231 -53.44 -17.50 -6.58
N GLU E 3 9.82 -36.60 -8.48
CA GLU E 3 8.44 -37.05 -8.24
C GLU E 3 8.08 -36.94 -6.75
N LEU E 4 6.98 -36.26 -6.46
CA LEU E 4 6.62 -35.91 -5.09
C LEU E 4 5.35 -36.63 -4.69
N THR E 5 5.36 -37.24 -3.50
CA THR E 5 4.19 -37.91 -2.93
C THR E 5 3.83 -37.25 -1.61
N GLN E 6 2.58 -36.82 -1.51
CA GLN E 6 2.06 -36.21 -0.29
C GLN E 6 1.20 -37.19 0.50
N SER E 7 1.21 -37.05 1.82
CA SER E 7 0.35 -37.85 2.68
C SER E 7 0.11 -37.10 3.98
N PRO E 8 -1.07 -37.27 4.62
CA PRO E 8 -2.15 -38.13 4.12
C PRO E 8 -2.87 -37.48 2.95
N ALA E 9 -3.54 -38.29 2.12
CA ALA E 9 -4.30 -37.72 1.01
C ALA E 9 -5.40 -36.79 1.50
N THR E 10 -6.01 -37.11 2.64
CA THR E 10 -7.07 -36.26 3.19
C THR E 10 -6.86 -36.12 4.70
N LEU E 11 -7.35 -35.03 5.24
CA LEU E 11 -7.16 -34.75 6.65
C LEU E 11 -8.41 -34.07 7.18
N SER E 12 -8.87 -34.50 8.35
CA SER E 12 -10.00 -33.85 9.02
C SER E 12 -9.55 -33.44 10.42
N VAL E 13 -9.49 -32.13 10.68
CA VAL E 13 -8.92 -31.59 11.91
C VAL E 13 -9.81 -30.48 12.45
N SER E 14 -9.91 -30.43 13.76
CA SER E 14 -10.74 -29.42 14.43
C SER E 14 -10.02 -28.08 14.46
N PRO E 15 -10.76 -26.97 14.51
CA PRO E 15 -10.11 -25.67 14.65
C PRO E 15 -9.30 -25.64 15.94
N GLY E 16 -8.22 -24.85 15.92
CA GLY E 16 -7.33 -24.71 17.04
C GLY E 16 -6.21 -25.73 17.08
N GLU E 17 -6.44 -26.94 16.56
CA GLU E 17 -5.42 -27.98 16.57
C GLU E 17 -4.40 -27.73 15.45
N ARG E 18 -3.43 -28.64 15.36
CA ARG E 18 -2.29 -28.54 14.44
C ARG E 18 -2.43 -29.56 13.33
N ALA E 19 -2.30 -29.10 12.08
CA ALA E 19 -2.32 -29.97 10.91
C ALA E 19 -0.91 -30.11 10.38
N THR E 20 -0.47 -31.36 10.22
CA THR E 20 0.88 -31.68 9.76
C THR E 20 0.77 -32.41 8.44
N LEU E 21 1.34 -31.82 7.39
CA LEU E 21 1.27 -32.33 6.03
C LEU E 21 2.67 -32.76 5.59
N SER E 22 2.75 -33.93 4.97
CA SER E 22 4.02 -34.52 4.61
C SER E 22 4.19 -34.53 3.09
N CYS E 23 5.41 -34.25 2.64
CA CYS E 23 5.76 -34.33 1.23
C CYS E 23 7.04 -35.14 1.12
N ARG E 24 7.05 -36.14 0.24
CA ARG E 24 8.20 -37.01 0.10
C ARG E 24 8.67 -37.00 -1.35
N ALA E 25 9.95 -36.69 -1.56
CA ALA E 25 10.53 -36.67 -2.89
C ALA E 25 11.25 -37.98 -3.16
N SER E 26 11.13 -38.48 -4.40
CA SER E 26 11.80 -39.73 -4.76
C SER E 26 13.31 -39.58 -4.72
N GLN E 27 13.84 -38.57 -5.42
CA GLN E 27 15.24 -38.19 -5.34
C GLN E 27 15.37 -37.00 -4.40
N SER E 28 16.60 -36.55 -4.18
CA SER E 28 16.80 -35.36 -3.36
C SER E 28 16.46 -34.12 -4.17
N VAL E 29 15.80 -33.17 -3.54
CA VAL E 29 15.52 -31.88 -4.15
C VAL E 29 16.07 -30.74 -3.30
N SER E 30 16.97 -31.07 -2.36
CA SER E 30 17.70 -30.11 -1.52
C SER E 30 16.70 -29.28 -0.73
N SER E 31 16.70 -27.96 -0.85
CA SER E 31 15.70 -27.10 -0.21
C SER E 31 14.82 -26.40 -1.24
N ASN E 32 14.87 -26.81 -2.50
CA ASN E 32 14.10 -26.19 -3.57
C ASN E 32 12.70 -26.79 -3.60
N LEU E 33 11.93 -26.49 -2.55
CA LEU E 33 10.57 -27.00 -2.41
C LEU E 33 9.66 -25.88 -1.92
N ALA E 34 8.51 -25.74 -2.56
CA ALA E 34 7.53 -24.74 -2.18
C ALA E 34 6.21 -25.43 -1.85
N TRP E 35 5.42 -24.77 -1.00
CA TRP E 35 4.07 -25.21 -0.65
C TRP E 35 3.05 -24.18 -1.12
N TYR E 36 1.91 -24.65 -1.62
CA TYR E 36 0.84 -23.76 -2.08
C TYR E 36 -0.50 -24.21 -1.50
N GLN E 37 -1.38 -23.23 -1.32
CA GLN E 37 -2.74 -23.45 -0.82
C GLN E 37 -3.74 -23.08 -1.89
N GLN E 38 -4.67 -23.98 -2.19
CA GLN E 38 -5.69 -23.75 -3.21
C GLN E 38 -7.06 -23.88 -2.56
N LYS E 39 -7.71 -22.76 -2.30
CA LYS E 39 -9.08 -22.76 -1.80
C LYS E 39 -10.04 -23.01 -2.95
N PRO E 40 -11.26 -23.49 -2.66
CA PRO E 40 -12.17 -23.92 -3.75
C PRO E 40 -12.41 -22.82 -4.77
N GLY E 41 -12.17 -23.16 -6.05
CA GLY E 41 -12.35 -22.23 -7.16
C GLY E 41 -11.29 -21.16 -7.30
N GLN E 42 -10.46 -20.93 -6.29
CA GLN E 42 -9.47 -19.88 -6.36
C GLN E 42 -8.18 -20.37 -7.01
N ALA E 43 -7.30 -19.41 -7.28
CA ALA E 43 -5.96 -19.68 -7.76
C ALA E 43 -5.06 -20.12 -6.60
N PRO E 44 -4.11 -21.04 -6.84
CA PRO E 44 -3.15 -21.39 -5.80
C PRO E 44 -2.45 -20.16 -5.25
N ARG E 45 -2.10 -20.24 -3.97
CA ARG E 45 -1.41 -19.18 -3.26
C ARG E 45 -0.12 -19.75 -2.69
N LEU E 46 0.99 -19.09 -2.99
CA LEU E 46 2.29 -19.51 -2.47
C LEU E 46 2.32 -19.33 -0.96
N LEU E 47 2.65 -20.40 -0.24
CA LEU E 47 2.78 -20.32 1.21
C LEU E 47 4.22 -20.24 1.66
N ILE E 48 5.06 -21.14 1.15
CA ILE E 48 6.40 -21.36 1.64
C ILE E 48 7.30 -21.68 0.46
N TYR E 49 8.52 -21.16 0.47
CA TYR E 49 9.50 -21.52 -0.52
C TYR E 49 10.84 -21.81 0.18
N GLY E 50 11.77 -22.38 -0.58
CA GLY E 50 13.03 -22.79 0.03
C GLY E 50 12.82 -23.74 1.19
N ALA E 51 11.75 -24.54 1.14
CA ALA E 51 11.39 -25.52 2.16
C ALA E 51 10.93 -24.90 3.48
N SER E 52 11.53 -23.78 3.91
CA SER E 52 11.18 -23.24 5.22
C SER E 52 10.92 -21.75 5.28
N THR E 53 10.95 -21.03 4.16
CA THR E 53 10.75 -19.59 4.17
C THR E 53 9.29 -19.26 3.86
N ARG E 54 8.65 -18.55 4.78
CA ARG E 54 7.29 -18.09 4.55
C ARG E 54 7.28 -16.98 3.51
N ALA E 55 6.33 -17.04 2.59
CA ALA E 55 6.18 -15.97 1.62
C ALA E 55 5.59 -14.74 2.29
N THR E 56 5.68 -13.60 1.59
CA THR E 56 5.28 -12.33 2.19
C THR E 56 3.78 -12.29 2.40
N GLY E 57 3.36 -11.93 3.61
CA GLY E 57 1.95 -11.83 3.94
C GLY E 57 1.31 -13.13 4.38
N ILE E 58 2.11 -14.15 4.66
CA ILE E 58 1.61 -15.47 5.04
C ILE E 58 1.71 -15.59 6.56
N PRO E 59 0.60 -15.82 7.26
CA PRO E 59 0.63 -15.79 8.73
C PRO E 59 1.57 -16.84 9.32
N ALA E 60 2.11 -16.52 10.50
CA ALA E 60 3.19 -17.30 11.07
C ALA E 60 2.76 -18.70 11.49
N ARG E 61 1.45 -18.94 11.66
CA ARG E 61 0.98 -20.29 11.96
C ARG E 61 1.22 -21.27 10.82
N PHE E 62 1.65 -20.80 9.66
CA PHE E 62 2.13 -21.65 8.57
C PHE E 62 3.64 -21.81 8.68
N SER E 63 4.11 -23.03 8.86
CA SER E 63 5.53 -23.32 9.00
C SER E 63 5.89 -24.50 8.13
N GLY E 64 7.02 -24.41 7.43
CA GLY E 64 7.52 -25.49 6.61
C GLY E 64 8.91 -25.90 7.06
N SER E 65 9.21 -27.19 6.90
CA SER E 65 10.50 -27.71 7.32
C SER E 65 10.90 -28.89 6.43
N GLY E 66 12.11 -29.37 6.67
CA GLY E 66 12.62 -30.54 5.96
C GLY E 66 13.67 -30.17 4.94
N SER E 67 14.31 -31.21 4.42
CA SER E 67 15.39 -31.05 3.47
C SER E 67 15.59 -32.37 2.75
N GLY E 68 16.27 -32.32 1.61
CA GLY E 68 16.55 -33.51 0.85
C GLY E 68 15.33 -34.19 0.25
N THR E 69 14.76 -35.15 0.98
CA THR E 69 13.63 -35.90 0.47
C THR E 69 12.39 -35.86 1.35
N GLU E 70 12.45 -35.23 2.52
CA GLU E 70 11.39 -35.31 3.53
C GLU E 70 11.01 -33.91 3.98
N PHE E 71 9.82 -33.47 3.60
CA PHE E 71 9.39 -32.11 3.90
C PHE E 71 8.07 -32.13 4.64
N THR E 72 7.86 -31.11 5.46
CA THR E 72 6.64 -31.03 6.26
C THR E 72 6.08 -29.62 6.21
N LEU E 73 4.77 -29.53 6.00
CA LEU E 73 4.01 -28.30 6.17
C LEU E 73 3.13 -28.45 7.40
N THR E 74 3.28 -27.51 8.35
CA THR E 74 2.54 -27.50 9.59
C THR E 74 1.67 -26.25 9.63
N VAL E 75 0.38 -26.44 9.87
CA VAL E 75 -0.59 -25.35 9.97
C VAL E 75 -1.14 -25.40 11.39
N SER E 76 -0.60 -24.55 12.25
CA SER E 76 -1.02 -24.49 13.64
C SER E 76 -2.21 -23.57 13.80
N ARG E 77 -2.95 -23.78 14.88
CA ARG E 77 -4.14 -23.00 15.20
C ARG E 77 -5.06 -22.89 13.98
N LEU E 78 -5.46 -24.06 13.49
CA LEU E 78 -6.29 -24.12 12.30
C LEU E 78 -7.57 -23.33 12.49
N GLU E 79 -7.93 -22.54 11.50
CA GLU E 79 -9.24 -21.89 11.50
C GLU E 79 -10.05 -22.32 10.28
N PRO E 80 -11.35 -22.02 10.24
CA PRO E 80 -12.18 -22.52 9.12
C PRO E 80 -11.71 -22.12 7.73
N GLU E 81 -11.07 -20.95 7.57
CA GLU E 81 -10.59 -20.51 6.26
C GLU E 81 -9.50 -21.40 5.71
N ASP E 82 -8.95 -22.29 6.51
CA ASP E 82 -7.85 -23.14 6.06
C ASP E 82 -8.33 -24.39 5.33
N SER E 83 -9.64 -24.63 5.24
CA SER E 83 -10.20 -25.69 4.42
C SER E 83 -9.76 -25.48 2.98
N ALA E 84 -8.94 -26.38 2.45
CA ALA E 84 -8.30 -26.17 1.17
C ALA E 84 -7.48 -27.40 0.84
N VAL E 85 -7.01 -27.44 -0.39
CA VAL E 85 -6.03 -28.41 -0.84
C VAL E 85 -4.66 -27.74 -0.75
N TYR E 86 -3.66 -28.47 -0.24
CA TYR E 86 -2.30 -27.99 -0.12
C TYR E 86 -1.40 -28.94 -0.88
N PHE E 87 -0.60 -28.40 -1.82
CA PHE E 87 0.32 -29.24 -2.57
C PHE E 87 1.73 -28.71 -2.47
N CYS E 88 2.70 -29.63 -2.51
CA CYS E 88 4.11 -29.27 -2.57
C CYS E 88 4.58 -29.22 -4.02
N GLN E 89 5.74 -28.58 -4.23
CA GLN E 89 6.30 -28.48 -5.57
C GLN E 89 7.81 -28.30 -5.46
N GLN E 90 8.57 -29.02 -6.29
CA GLN E 90 10.03 -28.90 -6.31
C GLN E 90 10.50 -28.17 -7.56
N TYR E 91 11.54 -27.38 -7.41
CA TYR E 91 12.17 -26.69 -8.53
C TYR E 91 13.68 -26.92 -8.51
N TYR E 92 14.10 -28.14 -8.22
CA TYR E 92 15.49 -28.53 -8.20
C TYR E 92 15.94 -29.23 -9.48
N ARG E 93 15.00 -29.77 -10.25
CA ARG E 93 15.32 -30.64 -11.38
C ARG E 93 14.23 -30.48 -12.43
N SER E 94 14.62 -30.63 -13.69
CA SER E 94 13.60 -30.55 -14.73
C SER E 94 13.09 -31.94 -15.07
N PRO E 95 11.79 -32.11 -15.33
CA PRO E 95 10.75 -31.08 -15.26
C PRO E 95 10.32 -30.73 -13.84
N LEU E 96 9.77 -29.53 -13.69
CA LEU E 96 9.17 -29.13 -12.42
C LEU E 96 8.01 -30.07 -12.12
N THR E 97 7.87 -30.47 -10.86
CA THR E 97 6.81 -31.42 -10.52
C THR E 97 6.08 -31.02 -9.24
N PHE E 98 4.79 -31.35 -9.19
CA PHE E 98 3.94 -31.08 -8.04
C PHE E 98 3.53 -32.38 -7.34
N GLY E 99 3.33 -32.29 -6.03
CA GLY E 99 2.68 -33.36 -5.31
C GLY E 99 1.22 -33.48 -5.72
N GLY E 100 0.61 -34.59 -5.31
CA GLY E 100 -0.80 -34.82 -5.66
C GLY E 100 -1.77 -34.00 -4.83
N GLY E 101 -1.35 -33.52 -3.67
CA GLY E 101 -2.16 -32.65 -2.85
C GLY E 101 -2.65 -33.35 -1.60
N THR E 102 -2.91 -32.56 -0.56
CA THR E 102 -3.61 -33.02 0.63
C THR E 102 -4.84 -32.13 0.80
N LYS E 103 -6.02 -32.74 0.83
CA LYS E 103 -7.24 -31.98 1.10
C LYS E 103 -7.42 -31.89 2.60
N VAL E 104 -7.49 -30.68 3.14
CA VAL E 104 -7.75 -30.44 4.55
C VAL E 104 -9.22 -30.08 4.74
N GLU E 105 -9.95 -30.92 5.47
CA GLU E 105 -11.28 -30.59 5.97
C GLU E 105 -11.16 -30.07 7.39
N ILE E 106 -11.88 -29.00 7.70
CA ILE E 106 -11.94 -28.47 9.06
C ILE E 106 -13.17 -29.07 9.76
N LYS E 107 -12.94 -29.76 10.87
CA LYS E 107 -14.03 -30.41 11.61
C LYS E 107 -14.85 -29.38 12.36
N ARG E 108 -16.12 -29.69 12.57
CA ARG E 108 -17.00 -28.85 13.36
C ARG E 108 -18.05 -29.74 14.01
N THR E 109 -18.88 -29.15 14.86
CA THR E 109 -19.96 -29.90 15.49
C THR E 109 -20.96 -30.35 14.43
N VAL E 110 -21.57 -31.52 14.69
CA VAL E 110 -22.56 -32.06 13.76
C VAL E 110 -23.66 -31.02 13.55
N ALA E 111 -24.13 -30.93 12.31
CA ALA E 111 -25.14 -29.94 11.95
C ALA E 111 -26.08 -30.59 10.94
N ALA E 112 -27.38 -30.59 11.25
CA ALA E 112 -28.35 -31.27 10.42
C ALA E 112 -28.70 -30.42 9.20
N PRO E 113 -29.08 -31.08 8.11
CA PRO E 113 -29.45 -30.35 6.90
C PRO E 113 -30.77 -29.61 7.06
N SER E 114 -30.82 -28.42 6.50
CA SER E 114 -32.08 -27.72 6.31
C SER E 114 -32.58 -28.07 4.90
N VAL E 115 -33.76 -28.66 4.79
CA VAL E 115 -34.22 -29.27 3.54
C VAL E 115 -35.30 -28.42 2.90
N PHE E 116 -35.18 -28.20 1.59
CA PHE E 116 -36.15 -27.47 0.77
C PHE E 116 -36.40 -28.24 -0.53
N ILE E 117 -37.64 -28.18 -1.02
CA ILE E 117 -38.02 -28.89 -2.24
C ILE E 117 -38.62 -27.88 -3.22
N PHE E 118 -38.32 -28.05 -4.51
CA PHE E 118 -38.65 -27.06 -5.53
C PHE E 118 -39.38 -27.73 -6.69
N PRO E 119 -40.56 -27.25 -7.06
CA PRO E 119 -41.24 -27.79 -8.22
C PRO E 119 -40.64 -27.24 -9.50
N PRO E 120 -40.81 -27.93 -10.62
CA PRO E 120 -40.41 -27.33 -11.90
C PRO E 120 -41.20 -26.07 -12.18
N SER E 121 -40.54 -25.08 -12.77
CA SER E 121 -41.25 -23.91 -13.21
C SER E 121 -42.29 -24.26 -14.28
N ASP E 122 -43.30 -23.40 -14.40
CA ASP E 122 -44.20 -23.49 -15.56
C ASP E 122 -43.45 -23.19 -16.85
N GLU E 123 -42.33 -22.48 -16.77
CA GLU E 123 -41.54 -22.21 -17.95
C GLU E 123 -40.82 -23.46 -18.45
N GLN E 124 -40.22 -24.23 -17.55
CA GLN E 124 -39.60 -25.48 -17.96
C GLN E 124 -40.63 -26.48 -18.45
N LEU E 125 -41.83 -26.47 -17.87
CA LEU E 125 -42.83 -27.46 -18.24
C LEU E 125 -43.21 -27.33 -19.71
N LYS E 126 -43.41 -26.09 -20.17
CA LYS E 126 -43.70 -25.83 -21.58
C LYS E 126 -42.77 -26.59 -22.52
N SER E 127 -41.49 -26.69 -22.16
CA SER E 127 -40.47 -27.26 -23.03
C SER E 127 -40.35 -28.78 -22.94
N GLY E 128 -41.27 -29.44 -22.25
CA GLY E 128 -41.35 -30.88 -22.34
C GLY E 128 -40.60 -31.65 -21.29
N THR E 129 -39.89 -30.97 -20.40
CA THR E 129 -39.14 -31.64 -19.35
C THR E 129 -39.40 -30.93 -18.03
N ALA E 130 -39.27 -31.71 -16.95
CA ALA E 130 -39.54 -31.21 -15.61
C ALA E 130 -38.34 -31.55 -14.74
N SER E 131 -37.71 -30.52 -14.16
CA SER E 131 -36.67 -30.71 -13.14
C SER E 131 -37.25 -30.39 -11.78
N VAL E 132 -37.10 -31.33 -10.84
CA VAL E 132 -37.51 -31.17 -9.45
C VAL E 132 -36.25 -31.24 -8.60
N VAL E 133 -36.03 -30.22 -7.77
CA VAL E 133 -34.77 -30.06 -7.03
C VAL E 133 -35.03 -30.18 -5.54
N CYS E 134 -34.23 -31.01 -4.88
CA CYS E 134 -34.17 -31.10 -3.42
C CYS E 134 -32.87 -30.51 -2.92
N LEU E 135 -32.95 -29.56 -2.00
CA LEU E 135 -31.78 -28.87 -1.43
C LEU E 135 -31.58 -29.27 0.03
N LEU E 136 -30.38 -29.74 0.34
CA LEU E 136 -29.92 -29.98 1.72
C LEU E 136 -28.89 -28.91 2.05
N ASN E 137 -29.23 -27.98 2.95
CA ASN E 137 -28.42 -26.79 3.18
C ASN E 137 -27.68 -26.83 4.51
N ASN E 138 -26.36 -26.58 4.44
CA ASN E 138 -25.52 -26.18 5.58
C ASN E 138 -25.46 -27.24 6.67
N PHE E 139 -25.00 -28.42 6.29
CA PHE E 139 -24.86 -29.55 7.19
C PHE E 139 -23.40 -29.99 7.29
N TYR E 140 -23.11 -30.75 8.34
CA TYR E 140 -21.84 -31.39 8.62
C TYR E 140 -22.11 -32.62 9.47
N PRO E 141 -21.47 -33.77 9.17
CA PRO E 141 -20.49 -34.00 8.11
C PRO E 141 -21.09 -34.20 6.72
N ARG E 142 -20.22 -34.51 5.76
CA ARG E 142 -20.59 -34.47 4.34
C ARG E 142 -21.55 -35.59 3.97
N GLU E 143 -21.50 -36.72 4.66
CA GLU E 143 -22.30 -37.89 4.28
C GLU E 143 -23.79 -37.63 4.51
N ALA E 144 -24.59 -37.92 3.49
CA ALA E 144 -26.03 -37.73 3.55
C ALA E 144 -26.68 -38.60 2.49
N LYS E 145 -27.97 -38.90 2.68
CA LYS E 145 -28.72 -39.75 1.76
C LYS E 145 -29.99 -39.03 1.33
N VAL E 146 -30.29 -39.09 0.03
CA VAL E 146 -31.48 -38.48 -0.54
C VAL E 146 -32.25 -39.54 -1.31
N GLN E 147 -33.50 -39.77 -0.93
CA GLN E 147 -34.38 -40.69 -1.64
C GLN E 147 -35.58 -39.93 -2.20
N TRP E 148 -35.86 -40.13 -3.48
CA TRP E 148 -37.02 -39.53 -4.12
C TRP E 148 -38.18 -40.51 -4.12
N LYS E 149 -39.37 -40.00 -3.86
CA LYS E 149 -40.61 -40.78 -3.89
C LYS E 149 -41.66 -39.98 -4.64
N VAL E 150 -42.27 -40.61 -5.64
CA VAL E 150 -43.34 -40.00 -6.43
C VAL E 150 -44.60 -40.84 -6.25
N ASP E 151 -45.61 -40.27 -5.58
CA ASP E 151 -46.81 -41.00 -5.15
C ASP E 151 -46.43 -42.27 -4.41
N ASN E 152 -45.45 -42.15 -3.52
CA ASN E 152 -44.90 -43.17 -2.64
C ASN E 152 -44.04 -44.19 -3.37
N ALA E 153 -43.97 -44.12 -4.70
CA ALA E 153 -43.09 -44.99 -5.48
C ALA E 153 -41.66 -44.49 -5.38
N LEU E 154 -40.76 -45.37 -4.96
CA LEU E 154 -39.35 -45.02 -4.77
C LEU E 154 -38.66 -44.93 -6.12
N GLN E 155 -38.11 -43.76 -6.44
CA GLN E 155 -37.44 -43.54 -7.71
C GLN E 155 -36.00 -44.05 -7.66
N SER E 156 -35.47 -44.42 -8.83
CA SER E 156 -34.09 -44.85 -8.95
C SER E 156 -33.63 -44.64 -10.38
N GLY E 157 -32.45 -44.02 -10.54
CA GLY E 157 -31.85 -43.82 -11.83
C GLY E 157 -32.18 -42.52 -12.52
N ASN E 158 -33.09 -41.72 -11.98
CA ASN E 158 -33.49 -40.47 -12.63
C ASN E 158 -33.07 -39.24 -11.83
N SER E 159 -32.08 -39.37 -10.95
CA SER E 159 -31.64 -38.25 -10.13
C SER E 159 -30.14 -38.11 -10.18
N GLN E 160 -29.66 -36.87 -10.06
CA GLN E 160 -28.24 -36.57 -9.95
C GLN E 160 -28.00 -35.63 -8.78
N GLU E 161 -26.94 -35.88 -8.02
CA GLU E 161 -26.54 -35.08 -6.87
C GLU E 161 -25.34 -34.19 -7.20
N SER E 162 -25.25 -33.03 -6.52
CA SER E 162 -24.07 -32.18 -6.55
C SER E 162 -23.84 -31.63 -5.16
N VAL E 163 -22.59 -31.64 -4.69
CA VAL E 163 -22.28 -31.20 -3.33
C VAL E 163 -21.23 -30.09 -3.39
N THR E 164 -21.43 -29.06 -2.57
CA THR E 164 -20.48 -27.94 -2.56
C THR E 164 -19.18 -28.36 -1.86
N GLU E 165 -18.15 -27.56 -2.11
CA GLU E 165 -16.95 -27.65 -1.29
C GLU E 165 -17.25 -27.08 0.09
N GLN E 166 -16.51 -27.56 1.09
CA GLN E 166 -16.71 -27.06 2.45
C GLN E 166 -16.64 -25.55 2.50
N ASP E 167 -17.63 -24.95 3.15
CA ASP E 167 -17.70 -23.50 3.29
C ASP E 167 -16.54 -23.00 4.14
N SER E 168 -15.88 -21.93 3.70
CA SER E 168 -14.68 -21.47 4.37
C SER E 168 -14.97 -20.73 5.67
N LYS E 169 -16.23 -20.46 5.99
CA LYS E 169 -16.58 -19.74 7.22
C LYS E 169 -17.23 -20.63 8.26
N ASP E 170 -18.35 -21.30 7.92
CA ASP E 170 -19.06 -22.16 8.88
C ASP E 170 -18.69 -23.63 8.75
N SER E 171 -17.81 -23.98 7.80
CA SER E 171 -17.30 -25.35 7.69
C SER E 171 -18.41 -26.35 7.34
N THR E 172 -19.52 -25.92 6.74
CA THR E 172 -20.58 -26.83 6.35
C THR E 172 -20.51 -27.20 4.87
N TYR E 173 -21.37 -28.13 4.47
CA TYR E 173 -21.60 -28.58 3.10
C TYR E 173 -23.06 -28.37 2.74
N SER E 174 -23.33 -28.19 1.46
CA SER E 174 -24.70 -28.17 0.96
C SER E 174 -24.78 -29.14 -0.20
N LEU E 175 -25.99 -29.59 -0.51
CA LEU E 175 -26.16 -30.64 -1.50
C LEU E 175 -27.47 -30.44 -2.23
N SER E 176 -27.43 -30.63 -3.55
CA SER E 176 -28.63 -30.60 -4.37
C SER E 176 -28.86 -31.98 -4.98
N SER E 177 -30.13 -32.34 -5.11
CA SER E 177 -30.53 -33.55 -5.82
C SER E 177 -31.64 -33.19 -6.79
N THR E 178 -31.42 -33.44 -8.08
CA THR E 178 -32.30 -32.96 -9.13
C THR E 178 -32.95 -34.15 -9.81
N LEU E 179 -34.29 -34.24 -9.72
CA LEU E 179 -35.05 -35.32 -10.37
C LEU E 179 -35.50 -34.83 -11.74
N THR E 180 -35.20 -35.61 -12.77
CA THR E 180 -35.52 -35.23 -14.14
C THR E 180 -36.56 -36.19 -14.71
N LEU E 181 -37.65 -35.64 -15.25
CA LEU E 181 -38.74 -36.40 -15.83
C LEU E 181 -39.26 -35.69 -17.06
N SER E 182 -39.76 -36.46 -18.02
CA SER E 182 -40.52 -35.87 -19.12
C SER E 182 -41.75 -35.15 -18.57
N LYS E 183 -42.18 -34.10 -19.29
CA LYS E 183 -43.40 -33.40 -18.90
C LYS E 183 -44.59 -34.35 -18.82
N ALA E 184 -44.61 -35.39 -19.66
CA ALA E 184 -45.70 -36.38 -19.61
C ALA E 184 -45.67 -37.15 -18.30
N ASP E 185 -44.50 -37.66 -17.90
CA ASP E 185 -44.44 -38.43 -16.67
C ASP E 185 -44.72 -37.55 -15.46
N TYR E 186 -44.29 -36.30 -15.50
CA TYR E 186 -44.51 -35.39 -14.38
C TYR E 186 -46.00 -35.14 -14.15
N GLU E 187 -46.80 -35.15 -15.22
CA GLU E 187 -48.24 -34.96 -15.10
C GLU E 187 -49.00 -36.26 -14.79
N LYS E 188 -48.34 -37.41 -14.84
CA LYS E 188 -48.98 -38.66 -14.43
C LYS E 188 -49.07 -38.81 -12.93
N HIS E 189 -48.47 -37.92 -12.15
CA HIS E 189 -48.49 -38.01 -10.70
C HIS E 189 -48.78 -36.64 -10.10
N LYS E 190 -48.97 -36.62 -8.78
CA LYS E 190 -49.32 -35.40 -8.08
C LYS E 190 -48.38 -35.08 -6.93
N VAL E 191 -47.96 -36.08 -6.15
CA VAL E 191 -47.16 -35.89 -4.95
C VAL E 191 -45.69 -36.13 -5.27
N TYR E 192 -44.84 -35.16 -4.93
CA TYR E 192 -43.39 -35.25 -5.14
C TYR E 192 -42.69 -34.98 -3.82
N ALA E 193 -41.89 -35.94 -3.36
CA ALA E 193 -41.22 -35.83 -2.07
C ALA E 193 -39.76 -36.26 -2.18
N CYS E 194 -38.88 -35.60 -1.42
CA CYS E 194 -37.53 -36.11 -1.17
C CYS E 194 -37.37 -36.32 0.34
N GLU E 195 -36.79 -37.45 0.70
CA GLU E 195 -36.53 -37.83 2.09
C GLU E 195 -35.04 -37.84 2.33
N VAL E 196 -34.62 -37.23 3.43
CA VAL E 196 -33.22 -36.94 3.70
C VAL E 196 -32.80 -37.62 4.99
N THR E 197 -31.74 -38.41 4.92
CA THR E 197 -31.13 -39.04 6.08
C THR E 197 -29.79 -38.38 6.36
N HIS E 198 -29.55 -38.01 7.62
CA HIS E 198 -28.28 -37.44 8.03
C HIS E 198 -28.05 -37.74 9.51
N GLN E 199 -26.77 -37.85 9.88
CA GLN E 199 -26.39 -38.12 11.26
C GLN E 199 -26.96 -37.08 12.23
N GLY E 200 -27.05 -35.82 11.82
CA GLY E 200 -27.69 -34.83 12.65
C GLY E 200 -29.20 -34.90 12.72
N LEU E 201 -29.81 -35.87 12.03
CA LEU E 201 -31.25 -36.06 12.03
C LEU E 201 -31.57 -37.36 12.76
N SER E 202 -32.18 -37.24 13.95
CA SER E 202 -32.60 -38.43 14.69
C SER E 202 -33.55 -39.28 13.86
N SER E 203 -34.38 -38.64 13.02
CA SER E 203 -35.29 -39.34 12.13
C SER E 203 -35.21 -38.72 10.74
N PRO E 204 -35.31 -39.54 9.70
CA PRO E 204 -35.32 -39.00 8.32
C PRO E 204 -36.42 -37.97 8.12
N VAL E 205 -36.04 -36.86 7.50
CA VAL E 205 -36.93 -35.71 7.26
C VAL E 205 -37.42 -35.77 5.82
N THR E 206 -38.67 -35.33 5.60
CA THR E 206 -39.27 -35.36 4.28
C THR E 206 -39.85 -33.99 3.93
N LYS E 207 -39.66 -33.57 2.69
CA LYS E 207 -40.31 -32.37 2.15
C LYS E 207 -41.05 -32.74 0.88
N SER E 208 -42.25 -32.18 0.70
CA SER E 208 -43.13 -32.58 -0.39
C SER E 208 -43.81 -31.37 -1.02
N PHE E 209 -44.39 -31.59 -2.19
CA PHE E 209 -45.33 -30.64 -2.77
C PHE E 209 -46.30 -31.41 -3.66
N ASN E 210 -47.45 -30.79 -3.90
CA ASN E 210 -48.48 -31.33 -4.80
C ASN E 210 -48.39 -30.59 -6.12
N ARG E 211 -48.41 -31.34 -7.22
CA ARG E 211 -48.21 -30.72 -8.53
C ARG E 211 -49.24 -29.61 -8.77
N GLY E 212 -48.74 -28.44 -9.17
CA GLY E 212 -49.58 -27.32 -9.54
C GLY E 212 -50.01 -26.40 -8.40
N GLU E 213 -49.84 -26.80 -7.14
CA GLU E 213 -50.34 -25.98 -6.02
C GLU E 213 -49.55 -24.68 -6.00
N CYS E 214 -50.19 -23.61 -6.48
CA CYS E 214 -49.57 -22.31 -6.60
C CYS E 214 -48.27 -22.39 -7.41
N HIS F 10 26.45 -11.63 -28.79
CA HIS F 10 25.02 -11.77 -28.57
C HIS F 10 24.70 -12.10 -27.11
N ILE F 11 23.42 -11.97 -26.74
CA ILE F 11 23.01 -12.21 -25.36
C ILE F 11 23.42 -13.61 -24.91
N ASN F 12 23.38 -14.59 -25.80
CA ASN F 12 23.71 -15.90 -25.25
C ASN F 12 25.21 -16.17 -25.22
N SER F 13 26.04 -15.16 -25.43
CA SER F 13 27.43 -15.24 -25.01
C SER F 13 27.62 -14.78 -23.57
N THR F 14 26.54 -14.68 -22.80
CA THR F 14 26.60 -14.37 -21.37
C THR F 14 26.65 -15.66 -20.57
N ALA F 15 27.62 -15.75 -19.66
CA ALA F 15 27.66 -16.88 -18.74
C ALA F 15 26.56 -16.73 -17.71
N LEU F 16 25.74 -17.77 -17.55
CA LEU F 16 24.61 -17.70 -16.61
C LEU F 16 24.62 -18.90 -15.65
N ASN F 17 25.75 -19.12 -15.02
CA ASN F 17 25.89 -20.18 -14.02
C ASN F 17 25.70 -19.51 -12.67
N CYS F 18 24.48 -19.61 -12.14
CA CYS F 18 24.06 -18.87 -10.96
C CYS F 18 23.35 -19.80 -9.99
N ASN F 19 23.82 -19.84 -8.76
CA ASN F 19 23.27 -20.69 -7.71
C ASN F 19 23.03 -19.81 -6.50
N GLU F 20 21.81 -19.80 -5.97
CA GLU F 20 21.51 -18.86 -4.88
C GLU F 20 22.43 -19.12 -3.69
N SER F 21 22.70 -20.40 -3.39
CA SER F 21 23.59 -20.79 -2.30
C SER F 21 23.32 -19.97 -1.04
N LEU F 22 24.38 -19.51 -0.37
CA LEU F 22 24.20 -18.58 0.73
C LEU F 22 23.84 -17.21 0.18
N ASN F 23 23.32 -16.36 1.07
CA ASN F 23 22.88 -15.00 0.71
C ASN F 23 21.75 -15.08 -0.32
N THR F 24 20.51 -15.16 0.16
CA THR F 24 19.38 -15.41 -0.71
C THR F 24 18.88 -14.12 -1.35
N GLY F 25 18.32 -14.25 -2.55
CA GLY F 25 17.80 -13.11 -3.27
C GLY F 25 18.77 -12.43 -4.23
N TRP F 26 20.04 -12.85 -4.26
CA TRP F 26 21.04 -12.06 -4.98
C TRP F 26 20.89 -12.14 -6.48
N LEU F 27 20.25 -13.19 -7.00
CA LEU F 27 20.00 -13.30 -8.44
C LEU F 27 19.02 -12.27 -8.97
N ALA F 28 18.29 -11.58 -8.11
CA ALA F 28 17.32 -10.61 -8.62
C ALA F 28 18.00 -9.50 -9.40
N GLY F 29 19.15 -8.99 -8.91
CA GLY F 29 19.85 -7.92 -9.60
C GLY F 29 20.20 -8.25 -11.04
N LEU F 30 20.20 -9.54 -11.40
CA LEU F 30 20.42 -9.90 -12.77
C LEU F 30 19.30 -9.36 -13.67
N PHE F 31 18.10 -9.18 -13.12
CA PHE F 31 16.91 -8.76 -13.83
C PHE F 31 16.43 -7.36 -13.47
N TYR F 32 16.65 -6.90 -12.24
CA TYR F 32 16.13 -5.62 -11.81
C TYR F 32 17.21 -4.82 -11.11
N GLN F 33 17.30 -3.53 -11.44
CA GLN F 33 18.35 -2.69 -10.89
C GLN F 33 18.23 -2.50 -9.39
N HIS F 34 17.07 -2.81 -8.80
CA HIS F 34 16.85 -2.56 -7.39
C HIS F 34 16.58 -3.85 -6.61
N SER F 39 21.78 -5.70 5.16
CA SER F 39 22.11 -4.69 4.16
C SER F 39 22.98 -5.27 3.06
N GLY F 40 22.70 -4.83 1.82
CA GLY F 40 23.56 -5.21 0.72
C GLY F 40 24.99 -4.79 0.94
N CYS F 41 25.20 -3.55 1.41
CA CYS F 41 26.55 -3.06 1.66
C CYS F 41 27.15 -3.63 2.94
N GLN F 42 26.37 -3.71 4.02
CA GLN F 42 26.94 -4.17 5.29
C GLN F 42 27.47 -5.59 5.21
N ASN F 43 26.87 -6.41 4.35
CA ASN F 43 27.20 -7.81 4.22
C ASN F 43 28.09 -8.11 3.02
N TRP F 44 28.38 -7.10 2.22
CA TRP F 44 29.12 -7.32 0.99
C TRP F 44 30.54 -7.81 1.29
N ASP F 45 31.00 -8.80 0.51
CA ASP F 45 32.36 -9.31 0.62
C ASP F 45 33.23 -8.62 -0.40
N GLU F 46 34.09 -7.72 0.07
CA GLU F 46 34.95 -6.95 -0.81
C GLU F 46 35.93 -7.89 -1.51
N PRO F 47 36.08 -7.80 -2.83
CA PRO F 47 37.05 -8.67 -3.51
C PRO F 47 38.47 -8.37 -3.07
N HIS F 48 39.34 -9.36 -3.25
CA HIS F 48 40.74 -9.19 -2.93
C HIS F 48 41.37 -8.18 -3.89
N TYR F 49 42.51 -7.63 -3.46
CA TYR F 49 43.29 -6.75 -4.32
C TYR F 49 43.48 -7.43 -5.68
N PRO F 50 43.26 -6.72 -6.79
CA PRO F 50 43.23 -7.40 -8.11
C PRO F 50 44.59 -7.92 -8.56
N ARG F 51 44.59 -9.10 -9.13
CA ARG F 51 45.73 -9.64 -9.84
C ARG F 51 45.55 -9.46 -11.34
N PRO F 52 46.63 -9.55 -12.14
CA PRO F 52 46.48 -9.31 -13.58
C PRO F 52 45.42 -10.22 -14.18
N CYS F 53 44.70 -9.70 -15.18
CA CYS F 53 43.60 -10.46 -15.77
C CYS F 53 44.14 -11.63 -16.57
N GLY F 54 43.48 -12.78 -16.47
CA GLY F 54 43.87 -13.98 -17.15
C GLY F 54 42.73 -14.56 -17.96
N ILE F 55 42.71 -15.89 -18.05
CA ILE F 55 41.66 -16.61 -18.74
C ILE F 55 40.70 -17.15 -17.68
N VAL F 56 39.43 -16.76 -17.76
CA VAL F 56 38.44 -17.02 -16.73
C VAL F 56 37.49 -18.09 -17.23
N PRO F 57 37.37 -19.24 -16.56
CA PRO F 57 36.44 -20.27 -17.03
C PRO F 57 35.00 -19.85 -16.78
N ALA F 58 34.18 -19.91 -17.83
CA ALA F 58 32.82 -19.38 -17.73
C ALA F 58 31.98 -20.08 -16.67
N LYS F 59 32.31 -21.34 -16.32
CA LYS F 59 31.46 -22.11 -15.43
C LYS F 59 31.25 -21.43 -14.09
N SER F 60 32.15 -20.53 -13.71
CA SER F 60 32.10 -19.88 -12.41
C SER F 60 31.53 -18.47 -12.48
N VAL F 61 30.93 -18.09 -13.60
CA VAL F 61 30.51 -16.71 -13.83
C VAL F 61 28.99 -16.66 -13.95
N CYS F 62 28.40 -15.66 -13.33
CA CYS F 62 26.96 -15.41 -13.37
C CYS F 62 26.69 -14.00 -13.85
N GLY F 63 26.18 -13.84 -15.07
CA GLY F 63 25.84 -12.54 -15.56
C GLY F 63 27.00 -11.92 -16.33
N PRO F 64 26.82 -10.72 -16.85
CA PRO F 64 27.78 -10.14 -17.78
C PRO F 64 29.14 -9.87 -17.14
N VAL F 65 30.18 -9.96 -17.98
CA VAL F 65 31.56 -9.60 -17.62
C VAL F 65 31.89 -8.24 -18.22
N TYR F 66 32.22 -7.27 -17.37
CA TYR F 66 32.50 -5.90 -17.79
C TYR F 66 33.99 -5.58 -17.61
N CYS F 67 34.57 -4.92 -18.60
CA CYS F 67 35.89 -4.34 -18.47
C CYS F 67 35.79 -2.85 -18.74
N PHE F 68 36.81 -2.13 -18.30
CA PHE F 68 36.77 -0.67 -18.28
C PHE F 68 37.95 -0.11 -19.06
N THR F 69 37.64 0.62 -20.14
CA THR F 69 38.66 0.94 -21.13
C THR F 69 39.24 2.35 -21.15
N PRO F 70 38.78 3.33 -20.32
CA PRO F 70 37.98 3.38 -19.09
C PRO F 70 36.44 3.23 -19.30
N SER F 71 35.91 3.38 -20.52
CA SER F 71 34.49 3.16 -20.79
C SER F 71 34.10 1.70 -20.55
N PRO F 72 32.87 1.43 -20.13
CA PRO F 72 32.47 0.03 -19.86
C PRO F 72 32.24 -0.74 -21.16
N VAL F 73 32.82 -1.93 -21.25
CA VAL F 73 32.58 -2.83 -22.38
C VAL F 73 32.28 -4.22 -21.84
N VAL F 74 31.41 -4.95 -22.55
CA VAL F 74 31.07 -6.32 -22.18
C VAL F 74 31.98 -7.27 -22.93
N VAL F 75 32.49 -8.28 -22.25
CA VAL F 75 33.23 -9.37 -22.87
C VAL F 75 32.34 -10.59 -22.83
N GLY F 76 32.05 -11.20 -24.02
CA GLY F 76 31.26 -12.43 -24.09
C GLY F 76 32.12 -13.69 -24.03
N THR F 77 31.44 -14.82 -23.86
CA THR F 77 32.11 -16.11 -23.81
C THR F 77 32.79 -16.43 -25.14
N THR F 78 33.98 -17.02 -25.07
CA THR F 78 34.66 -17.59 -26.22
C THR F 78 35.27 -18.94 -25.82
N ASP F 79 35.86 -19.65 -26.79
CA ASP F 79 36.77 -20.73 -26.43
C ASP F 79 38.17 -20.17 -26.15
N ARG F 80 39.11 -21.05 -25.78
CA ARG F 80 40.47 -20.60 -25.48
C ARG F 80 41.15 -19.92 -26.67
N SER F 81 40.74 -20.25 -27.89
CA SER F 81 41.28 -19.59 -29.08
C SER F 81 40.73 -18.17 -29.30
N GLY F 82 39.66 -17.78 -28.63
CA GLY F 82 39.05 -16.47 -28.85
C GLY F 82 37.82 -16.46 -29.75
N ALA F 83 37.41 -17.60 -30.29
CA ALA F 83 36.22 -17.64 -31.11
C ALA F 83 34.97 -17.57 -30.23
N PRO F 84 34.01 -16.71 -30.56
CA PRO F 84 32.82 -16.57 -29.70
C PRO F 84 32.01 -17.85 -29.60
N THR F 85 31.43 -18.05 -28.42
CA THR F 85 30.56 -19.19 -28.17
C THR F 85 29.23 -18.68 -27.65
N TYR F 86 28.18 -19.48 -27.87
CA TYR F 86 26.82 -19.00 -27.71
C TYR F 86 25.98 -19.96 -26.89
N SER F 87 26.60 -20.67 -25.96
CA SER F 87 25.90 -21.64 -25.12
C SER F 87 25.80 -21.19 -23.66
N TRP F 88 25.69 -19.87 -23.42
CA TRP F 88 25.49 -19.34 -22.07
C TRP F 88 26.57 -19.78 -21.09
N GLY F 89 27.80 -19.98 -21.56
CA GLY F 89 28.88 -20.41 -20.70
C GLY F 89 28.65 -21.75 -20.01
N ALA F 90 27.78 -22.61 -20.57
CA ALA F 90 27.50 -23.91 -19.98
C ALA F 90 28.57 -24.96 -20.22
N ASN F 91 29.48 -24.75 -21.17
CA ASN F 91 30.45 -25.77 -21.56
C ASN F 91 31.83 -25.51 -20.92
N ASP F 92 32.55 -26.61 -20.67
CA ASP F 92 33.93 -26.52 -20.20
C ASP F 92 34.80 -25.66 -21.11
N THR F 93 34.53 -25.68 -22.42
CA THR F 93 35.34 -24.93 -23.37
C THR F 93 35.10 -23.42 -23.28
N ASP F 94 33.99 -22.99 -22.69
CA ASP F 94 33.66 -21.57 -22.60
C ASP F 94 34.55 -20.86 -21.58
N VAL F 95 35.20 -19.77 -22.02
CA VAL F 95 36.04 -18.97 -21.13
C VAL F 95 35.82 -17.49 -21.44
N PHE F 96 36.35 -16.64 -20.57
CA PHE F 96 36.54 -15.23 -20.89
C PHE F 96 38.02 -14.97 -21.04
N VAL F 97 38.43 -14.53 -22.23
CA VAL F 97 39.84 -14.24 -22.51
C VAL F 97 40.07 -12.78 -22.12
N LEU F 98 40.60 -12.58 -20.92
CA LEU F 98 40.85 -11.25 -20.41
C LEU F 98 42.33 -10.90 -20.37
N ASN F 99 43.21 -11.77 -20.89
CA ASN F 99 44.64 -11.49 -20.76
C ASN F 99 45.17 -10.63 -21.90
N ASN F 100 44.30 -10.18 -22.80
CA ASN F 100 44.66 -9.20 -23.82
C ASN F 100 44.06 -7.82 -23.54
N THR F 101 43.75 -7.52 -22.27
CA THR F 101 43.15 -6.26 -21.86
C THR F 101 44.15 -5.39 -21.09
N GLY F 102 45.45 -5.55 -21.36
CA GLY F 102 46.48 -4.90 -20.58
C GLY F 102 46.54 -3.39 -20.73
N ASN F 103 45.94 -2.84 -21.76
CA ASN F 103 45.81 -1.39 -21.90
C ASN F 103 44.59 -0.83 -21.17
N TRP F 104 43.79 -1.68 -20.55
CA TRP F 104 42.56 -1.25 -19.90
C TRP F 104 42.77 -1.20 -18.38
N PHE F 105 41.70 -0.91 -17.66
CA PHE F 105 41.78 -0.68 -16.21
C PHE F 105 41.28 -1.86 -15.39
N GLY F 106 40.85 -2.94 -16.02
CA GLY F 106 40.47 -4.13 -15.32
C GLY F 106 39.03 -4.51 -15.62
N CYS F 107 38.64 -5.63 -15.04
CA CYS F 107 37.35 -6.24 -15.34
C CYS F 107 36.67 -6.61 -14.04
N THR F 108 35.34 -6.73 -14.09
CA THR F 108 34.62 -7.14 -12.89
C THR F 108 33.43 -8.01 -13.31
N TRP F 109 33.04 -8.94 -12.44
CA TRP F 109 31.91 -9.82 -12.73
C TRP F 109 31.44 -10.44 -11.43
N MET F 110 30.32 -11.14 -11.49
CA MET F 110 29.76 -11.87 -10.35
C MET F 110 30.08 -13.35 -10.52
N ASN F 111 30.57 -14.01 -9.47
CA ASN F 111 30.80 -15.43 -9.68
C ASN F 111 29.53 -16.22 -9.32
N SER F 112 29.59 -17.54 -9.51
CA SER F 112 28.42 -18.40 -9.47
C SER F 112 27.69 -18.40 -8.14
N THR F 113 28.33 -18.02 -7.04
CA THR F 113 27.65 -18.01 -5.75
C THR F 113 27.48 -16.61 -5.19
N GLY F 114 27.53 -15.58 -6.03
CA GLY F 114 27.11 -14.25 -5.61
C GLY F 114 28.19 -13.33 -5.08
N PHE F 115 29.46 -13.56 -5.43
CA PHE F 115 30.59 -12.78 -4.94
C PHE F 115 31.15 -11.94 -6.09
N THR F 116 31.39 -10.67 -5.82
CA THR F 116 31.99 -9.80 -6.84
C THR F 116 33.45 -10.17 -7.04
N LYS F 117 33.86 -10.33 -8.31
CA LYS F 117 35.24 -10.66 -8.65
C LYS F 117 35.85 -9.52 -9.46
N VAL F 118 37.17 -9.35 -9.34
CA VAL F 118 37.88 -8.32 -10.08
C VAL F 118 39.22 -8.86 -10.58
N CYS F 119 39.69 -8.31 -11.70
CA CYS F 119 41.08 -8.50 -12.10
C CYS F 119 41.54 -7.20 -12.75
N GLY F 120 42.85 -6.94 -12.69
CA GLY F 120 43.37 -5.70 -13.23
C GLY F 120 44.88 -5.48 -13.09
N THR F 127 43.99 6.43 -7.02
CA THR F 127 42.82 5.78 -6.46
C THR F 127 43.13 4.33 -6.08
N ASP F 128 44.41 3.96 -6.20
CA ASP F 128 44.83 2.59 -5.95
C ASP F 128 44.38 2.10 -4.58
N GLY F 129 43.97 0.84 -4.52
CA GLY F 129 43.50 0.27 -3.27
C GLY F 129 42.03 -0.14 -3.28
N GLY F 130 41.17 0.68 -3.89
CA GLY F 130 39.76 0.34 -4.01
C GLY F 130 39.54 -0.85 -4.94
N SER F 131 38.31 -1.38 -4.89
CA SER F 131 37.90 -2.48 -5.76
C SER F 131 36.92 -1.97 -6.82
N GLY F 132 37.04 -2.49 -8.04
CA GLY F 132 36.25 -1.98 -9.14
C GLY F 132 36.83 -0.78 -9.89
N PRO F 133 36.07 -0.28 -10.88
CA PRO F 133 36.58 0.79 -11.78
C PRO F 133 36.47 2.20 -11.20
N TRP F 134 37.26 2.45 -10.16
CA TRP F 134 37.32 3.77 -9.57
C TRP F 134 38.15 4.68 -10.45
N ILE F 135 37.61 5.86 -10.77
CA ILE F 135 38.32 6.91 -11.48
C ILE F 135 39.07 7.82 -10.51
N THR F 136 38.41 8.17 -9.42
CA THR F 136 38.95 9.02 -8.36
C THR F 136 38.62 8.31 -7.05
N PRO F 137 39.08 8.80 -5.90
CA PRO F 137 38.68 8.18 -4.62
C PRO F 137 37.18 8.04 -4.45
N ARG F 138 36.39 8.93 -5.03
CA ARG F 138 34.97 8.93 -4.77
C ARG F 138 34.11 8.73 -6.02
N CYS F 139 34.69 8.38 -7.17
CA CYS F 139 33.95 8.25 -8.41
C CYS F 139 34.27 6.92 -9.06
N MET F 140 33.23 6.17 -9.40
CA MET F 140 33.37 4.91 -10.12
C MET F 140 32.72 5.06 -11.49
N VAL F 141 33.31 4.44 -12.52
CA VAL F 141 32.66 4.42 -13.83
C VAL F 141 31.27 3.82 -13.69
N ASP F 142 30.26 4.49 -14.22
CA ASP F 142 28.92 3.95 -14.14
C ASP F 142 28.70 2.93 -15.25
N TYR F 143 27.97 1.86 -14.94
CA TYR F 143 27.61 0.87 -15.95
C TYR F 143 26.39 0.12 -15.45
N PRO F 144 25.69 -0.61 -16.33
CA PRO F 144 24.34 -1.09 -15.97
C PRO F 144 24.30 -2.06 -14.79
N TYR F 145 25.40 -2.75 -14.46
CA TYR F 145 25.41 -3.71 -13.35
C TYR F 145 26.24 -3.23 -12.17
N ARG F 146 26.48 -1.92 -12.09
CA ARG F 146 27.25 -1.37 -10.96
C ARG F 146 26.55 -1.65 -9.63
N LEU F 147 25.24 -1.41 -9.56
CA LEU F 147 24.54 -1.58 -8.29
C LEU F 147 24.59 -3.03 -7.83
N TRP F 148 24.53 -3.96 -8.78
CA TRP F 148 24.57 -5.38 -8.46
C TRP F 148 25.95 -5.78 -7.96
N HIS F 149 27.00 -5.37 -8.71
CA HIS F 149 28.36 -5.76 -8.36
C HIS F 149 28.90 -5.01 -7.15
N TYR F 150 28.51 -3.75 -6.98
CA TYR F 150 29.10 -2.87 -5.97
C TYR F 150 27.99 -2.21 -5.15
N PRO F 151 27.35 -2.97 -4.25
CA PRO F 151 26.17 -2.44 -3.55
C PRO F 151 26.45 -1.27 -2.63
N CYS F 152 27.70 -1.08 -2.20
CA CYS F 152 28.04 0.07 -1.39
C CYS F 152 27.97 1.38 -2.16
N THR F 153 27.81 1.35 -3.50
CA THR F 153 27.63 2.59 -4.26
C THR F 153 26.15 2.92 -4.50
N ILE F 154 25.23 2.25 -3.80
CA ILE F 154 23.80 2.34 -4.12
C ILE F 154 23.32 3.79 -4.18
N ASN F 155 23.76 4.64 -3.24
CA ASN F 155 23.25 5.99 -3.19
C ASN F 155 24.13 7.01 -3.91
N TYR F 156 25.07 6.57 -4.73
CA TYR F 156 25.92 7.53 -5.43
C TYR F 156 25.14 8.27 -6.51
N THR F 157 25.58 9.51 -6.79
CA THR F 157 24.97 10.35 -7.80
C THR F 157 25.77 10.22 -9.10
N ILE F 158 25.08 10.24 -10.24
CA ILE F 158 25.74 10.14 -11.54
C ILE F 158 26.09 11.51 -12.09
N PHE F 159 27.37 11.69 -12.47
CA PHE F 159 27.87 12.93 -13.05
C PHE F 159 28.60 12.61 -14.37
N LYS F 160 28.52 13.51 -15.34
CA LYS F 160 29.45 13.49 -16.47
C LYS F 160 30.79 14.03 -16.01
N VAL F 161 31.86 13.26 -16.20
CA VAL F 161 33.17 13.68 -15.73
C VAL F 161 34.18 13.51 -16.87
N ARG F 162 35.35 14.09 -16.65
CA ARG F 162 36.46 13.79 -17.53
C ARG F 162 37.55 13.09 -16.73
N MET F 163 38.34 12.27 -17.40
CA MET F 163 39.50 11.70 -16.77
C MET F 163 40.62 11.62 -17.80
N TYR F 164 41.84 11.54 -17.29
CA TYR F 164 43.03 11.60 -18.11
C TYR F 164 43.78 10.29 -17.97
N VAL F 165 44.26 9.77 -19.09
CA VAL F 165 45.02 8.53 -19.13
C VAL F 165 46.21 8.81 -20.04
N GLY F 166 47.42 8.80 -19.49
CA GLY F 166 48.58 9.13 -20.30
C GLY F 166 48.44 10.46 -21.02
N GLY F 167 47.79 11.44 -20.35
CA GLY F 167 47.55 12.74 -20.96
C GLY F 167 46.36 12.81 -21.88
N VAL F 168 45.76 11.68 -22.24
CA VAL F 168 44.61 11.68 -23.14
C VAL F 168 43.35 11.86 -22.28
N GLU F 169 42.46 12.75 -22.72
CA GLU F 169 41.23 13.05 -22.00
C GLU F 169 40.09 12.19 -22.50
N HIS F 170 39.40 11.49 -21.57
CA HIS F 170 38.24 10.68 -21.84
C HIS F 170 37.05 11.27 -21.08
N ARG F 171 35.87 11.14 -21.66
CA ARG F 171 34.63 11.64 -21.08
C ARG F 171 33.76 10.44 -20.74
N LEU F 172 33.21 10.40 -19.53
CA LEU F 172 32.30 9.30 -19.26
C LEU F 172 31.40 9.66 -18.08
N GLU F 173 30.43 8.79 -17.85
CA GLU F 173 29.48 8.96 -16.75
C GLU F 173 29.96 8.17 -15.56
N ALA F 174 30.09 8.83 -14.44
CA ALA F 174 30.60 8.22 -13.24
C ALA F 174 29.60 8.36 -12.11
N ALA F 175 29.60 7.38 -11.24
CA ALA F 175 28.79 7.42 -10.03
C ALA F 175 29.70 7.86 -8.90
N CYS F 176 29.31 8.93 -8.19
CA CYS F 176 30.18 9.59 -7.23
C CYS F 176 29.53 9.75 -5.87
N ASN F 177 30.33 9.52 -4.83
CA ASN F 177 29.90 9.62 -3.43
C ASN F 177 29.79 11.08 -3.02
C1 NAG G . -22.23 4.24 30.29
C2 NAG G . -22.09 4.94 31.63
C3 NAG G . -21.15 4.17 32.54
C4 NAG G . -21.61 2.73 32.69
C5 NAG G . -21.77 2.10 31.32
C6 NAG G . -22.34 0.69 31.36
C7 NAG G . -22.44 7.37 31.63
C8 NAG G . -21.81 8.71 31.41
N2 NAG G . -21.64 6.32 31.45
O3 NAG G . -21.11 4.83 33.80
O4 NAG G . -20.64 1.99 33.44
O5 NAG G . -22.66 2.88 30.51
O6 NAG G . -23.55 0.64 32.11
O7 NAG G . -23.61 7.25 31.95
C1 NAG G . -21.15 1.49 34.68
C2 NAG G . -20.30 0.29 35.12
C3 NAG G . -20.77 -0.23 36.48
C4 NAG G . -20.77 0.89 37.50
C5 NAG G . -21.64 2.04 37.00
C6 NAG G . -21.58 3.25 37.90
C7 NAG G . -19.29 -1.04 33.32
C8 NAG G . -19.48 -2.17 32.36
N2 NAG G . -20.32 -0.77 34.13
O3 NAG G . -19.89 -1.28 36.90
O4 NAG G . -21.27 0.43 38.76
O5 NAG G . -21.16 2.48 35.71
O6 NAG G . -20.25 3.61 38.20
O7 NAG G . -18.23 -0.40 33.38
C1 NAG H . 32.93 -17.33 -5.49
C2 NAG H . 33.33 -18.81 -5.34
C3 NAG H . 33.50 -19.17 -3.87
C4 NAG H . 34.39 -18.16 -3.14
C5 NAG H . 33.86 -16.76 -3.40
C6 NAG H . 34.69 -15.67 -2.75
C7 NAG H . 32.60 -20.40 -7.06
C8 NAG H . 31.47 -21.25 -7.56
N2 NAG H . 32.35 -19.69 -5.96
O3 NAG H . 34.06 -20.48 -3.77
O4 NAG H . 34.39 -18.42 -1.75
O5 NAG H . 33.86 -16.50 -4.81
O6 NAG H . 36.04 -15.74 -3.16
O7 NAG H . 33.68 -20.35 -7.64
C1 NAG H . 35.65 -18.95 -1.30
C2 NAG H . 35.77 -18.72 0.21
C3 NAG H . 37.07 -19.32 0.74
C4 NAG H . 37.17 -20.79 0.36
C5 NAG H . 37.05 -20.93 -1.15
C6 NAG H . 37.04 -22.36 -1.63
C7 NAG H . 34.54 -16.75 0.98
C8 NAG H . 34.62 -15.29 1.29
N2 NAG H . 35.67 -17.32 0.55
O3 NAG H . 37.14 -19.16 2.15
O4 NAG H . 38.40 -21.34 0.84
O5 NAG H . 35.82 -20.35 -1.60
O6 NAG H . 36.93 -23.26 -0.54
O7 NAG H . 33.50 -17.38 1.11
C1 NAG I . -28.47 25.19 15.51
C2 NAG I . -29.83 25.21 14.79
C3 NAG I . -30.39 26.63 14.69
C4 NAG I . -30.38 27.33 16.03
C5 NAG I . -28.96 27.32 16.59
C6 NAG I . -28.84 27.98 17.94
C7 NAG I . -30.45 23.59 13.03
C8 NAG I . -30.18 23.13 11.62
N2 NAG I . -29.72 24.62 13.46
O3 NAG I . -31.71 26.58 14.17
O4 NAG I . -30.80 28.68 15.90
O5 NAG I . -28.56 25.95 16.74
O6 NAG I . -28.35 27.06 18.93
O7 NAG I . -31.30 23.05 13.73
C1 NAG J . -13.15 12.23 29.89
C2 NAG J . -13.26 13.44 30.82
C3 NAG J . -11.93 13.72 31.54
C4 NAG J . -11.37 12.44 32.17
C5 NAG J . -11.35 11.31 31.15
C6 NAG J . -10.89 9.98 31.71
C7 NAG J . -13.31 15.32 29.11
C8 NAG J . -12.04 14.83 28.46
N2 NAG J . -13.79 14.64 30.18
O3 NAG J . -12.15 14.68 32.56
O4 NAG J . -10.05 12.67 32.66
O5 NAG J . -12.67 11.10 30.61
O6 NAG J . -11.17 8.91 30.83
O7 NAG J . -13.90 16.31 28.69
C1 NAG K . -26.91 25.82 27.95
C2 NAG K . -26.28 26.46 26.72
C3 NAG K . -26.02 27.96 26.96
C4 NAG K . -27.28 28.66 27.47
C5 NAG K . -27.85 27.91 28.68
C6 NAG K . -29.16 28.45 29.15
C7 NAG K . -24.57 25.75 25.10
C8 NAG K . -23.28 25.02 24.90
N2 NAG K . -25.04 25.79 26.35
O3 NAG K . -25.59 28.57 25.75
O4 NAG K . -26.96 29.99 27.85
O5 NAG K . -28.08 26.55 28.32
O6 NAG K . -30.09 27.38 29.33
O7 NAG K . -25.17 26.29 24.17
C1 NAG L . 22.10 -18.60 -29.35
C2 NAG L . 22.24 -17.68 -30.59
C3 NAG L . 21.97 -18.49 -31.87
C4 NAG L . 22.85 -19.72 -31.92
C5 NAG L . 22.64 -20.56 -30.66
C6 NAG L . 23.54 -21.77 -30.58
C7 NAG L . 21.61 -15.33 -30.95
C8 NAG L . 20.55 -14.30 -30.78
N2 NAG L . 21.32 -16.56 -30.50
O3 NAG L . 22.21 -17.67 -33.01
O4 NAG L . 22.53 -20.49 -33.08
O5 NAG L . 22.95 -19.75 -29.51
O6 NAG L . 24.92 -21.44 -30.69
O7 NAG L . 22.70 -15.08 -31.45
#